data_1HON
#
_entry.id   1HON
#
_cell.length_a   72.600
_cell.length_b   92.910
_cell.length_c   119.000
_cell.angle_alpha   90.00
_cell.angle_beta   90.00
_cell.angle_gamma   90.00
#
_symmetry.space_group_name_H-M   'P 21 21 21'
#
loop_
_entity.id
_entity.type
_entity.pdbx_description
1 polymer 'ADENYLOSUCCINATE SYNTHETASE'
2 non-polymer 'AMINOPHOSPHONIC ACID-GUANYLATE ESTER'
3 water water
#
_entity_poly.entity_id   1
_entity_poly.type   'polypeptide(L)'
_entity_poly.pdbx_seq_one_letter_code
;GNNVVVLGTQWGDEGKGKIVDLLTERAKYVVRYQGGHNAGHTLVINGEKTVLHLIPSGILRENVTSIIGNGVVLSPAALM
KEMKELEDRGIPVRERLLLSEACPLILDYHVALDNAREKARGAKAIGTTGRGIGPAYEDKVARRGLRVGDLFDKETFAEK
LKEVMEYHNFQLVNYYKAEAVDYQKVLDDTMAVADILTSMVVDVSDLLDQARQRGDFVMFEGAQGTLLDIDHGTYPYVTS
SNTTAGGVATGSGLGPRYVDYVLGILKAYSTRVGAGPFPTELFDETGEFLCKQGNEFGATTGRRRRTGWLDTVAVRRAVQ
LNSLSGFCLTKLDVLDGLKEVKLCVAYRMPDGREVTTTPLAADDWKGVEPIYETMPGWSESTFGVKDRSGLPQAALNYIK
RIEELTGVPIDIISTGPDRTETMILRDPFDA
;
_entity_poly.pdbx_strand_id   A,B
#
loop_
_chem_comp.id
_chem_comp.type
_chem_comp.name
_chem_comp.formula
GNH non-polymer 'AMINOPHOSPHONIC ACID-GUANYLATE ESTER' 'C10 H16 N6 O10 P2'
#
# COMPACT_ATOMS: atom_id res chain seq x y z
N GLY A 1 -2.08 12.77 19.88
CA GLY A 1 -2.35 12.69 18.40
C GLY A 1 -3.82 12.40 18.09
N ASN A 2 -4.37 13.04 17.05
CA ASN A 2 -5.77 12.90 16.64
C ASN A 2 -5.99 11.62 15.81
N ASN A 3 -4.97 11.27 15.03
CA ASN A 3 -4.97 10.13 14.16
C ASN A 3 -4.27 8.95 14.78
N VAL A 4 -5.02 8.08 15.42
CA VAL A 4 -4.38 6.94 16.05
C VAL A 4 -4.69 5.64 15.30
N VAL A 5 -3.61 4.94 14.92
CA VAL A 5 -3.56 3.66 14.23
C VAL A 5 -3.15 2.61 15.29
N VAL A 6 -3.94 1.54 15.43
CA VAL A 6 -3.72 0.44 16.39
C VAL A 6 -3.45 -0.89 15.66
N LEU A 7 -2.52 -1.69 16.19
CA LEU A 7 -2.21 -2.95 15.52
C LEU A 7 -1.24 -3.86 16.27
N GLY A 8 -1.36 -5.17 15.97
CA GLY A 8 -0.56 -6.24 16.56
C GLY A 8 0.80 -6.29 15.90
N THR A 9 1.83 -6.42 16.72
CA THR A 9 3.23 -6.39 16.27
C THR A 9 3.87 -7.74 16.11
N GLN A 10 3.11 -8.81 15.99
CA GLN A 10 3.74 -10.12 15.86
C GLN A 10 3.05 -10.95 14.75
N TRP A 11 2.35 -12.03 15.16
CA TRP A 11 1.60 -12.92 14.29
C TRP A 11 0.12 -13.02 14.74
N GLY A 12 -0.53 -11.91 15.07
CA GLY A 12 -1.91 -12.04 15.51
C GLY A 12 -2.03 -12.53 16.95
N ASP A 13 -3.22 -12.52 17.53
CA ASP A 13 -3.40 -12.99 18.90
C ASP A 13 -2.64 -12.19 19.92
N GLU A 14 -2.17 -10.99 19.58
CA GLU A 14 -1.41 -10.24 20.59
C GLU A 14 -2.31 -9.71 21.71
N GLY A 15 -3.61 -9.90 21.59
CA GLY A 15 -4.56 -9.43 22.59
C GLY A 15 -5.03 -8.00 22.44
N LYS A 16 -5.41 -7.58 21.25
CA LYS A 16 -5.80 -6.20 21.08
C LYS A 16 -7.25 -5.85 21.31
N GLY A 17 -8.12 -6.86 21.43
CA GLY A 17 -9.54 -6.61 21.56
C GLY A 17 -9.99 -5.59 22.58
N LYS A 18 -9.38 -5.65 23.76
CA LYS A 18 -9.70 -4.77 24.88
C LYS A 18 -9.20 -3.33 24.69
N ILE A 19 -8.03 -3.21 24.06
CA ILE A 19 -7.39 -1.91 23.82
C ILE A 19 -8.27 -1.12 22.86
N VAL A 20 -8.57 -1.68 21.71
CA VAL A 20 -9.41 -1.01 20.72
C VAL A 20 -10.75 -0.55 21.35
N ASP A 21 -11.40 -1.42 22.14
CA ASP A 21 -12.66 -1.05 22.81
C ASP A 21 -12.47 0.17 23.70
N LEU A 22 -11.34 0.19 24.39
CA LEU A 22 -10.99 1.27 25.32
C LEU A 22 -10.75 2.57 24.55
N LEU A 23 -9.85 2.56 23.58
CA LEU A 23 -9.59 3.77 22.82
C LEU A 23 -10.85 4.31 22.13
N THR A 24 -11.79 3.41 21.86
CA THR A 24 -13.08 3.71 21.21
C THR A 24 -13.94 4.71 22.03
N GLU A 25 -13.67 4.81 23.32
CA GLU A 25 -14.44 5.74 24.15
C GLU A 25 -14.16 7.20 23.76
N ARG A 26 -12.95 7.46 23.26
CA ARG A 26 -12.57 8.80 22.90
C ARG A 26 -12.51 9.04 21.39
N ALA A 27 -12.78 8.01 20.59
CA ALA A 27 -12.73 8.15 19.12
C ALA A 27 -14.03 8.68 18.52
N LYS A 28 -13.92 9.51 17.50
CA LYS A 28 -15.12 9.99 16.86
C LYS A 28 -15.41 9.09 15.65
N TYR A 29 -14.32 8.58 15.09
CA TYR A 29 -14.31 7.68 13.95
C TYR A 29 -13.38 6.54 14.22
N VAL A 30 -13.81 5.34 13.85
CA VAL A 30 -13.04 4.12 13.97
C VAL A 30 -12.97 3.56 12.53
N VAL A 31 -11.76 3.44 11.95
CA VAL A 31 -11.65 3.02 10.54
C VAL A 31 -10.99 1.64 10.24
N ARG A 32 -11.65 0.81 9.44
CA ARG A 32 -11.08 -0.48 9.01
C ARG A 32 -10.34 -0.15 7.71
N TYR A 33 -9.06 -0.52 7.62
CA TYR A 33 -8.28 -0.13 6.43
C TYR A 33 -7.69 -1.28 5.60
N GLN A 34 -7.88 -2.54 5.98
CA GLN A 34 -7.28 -3.60 5.19
C GLN A 34 -7.88 -4.95 5.53
N GLY A 35 -7.51 -6.01 4.80
CA GLY A 35 -8.09 -7.32 5.10
C GLY A 35 -9.57 -7.41 4.73
N GLY A 36 -10.28 -8.37 5.34
CA GLY A 36 -11.69 -8.54 5.08
C GLY A 36 -12.45 -9.03 6.29
N HIS A 37 -13.28 -10.07 6.09
CA HIS A 37 -14.07 -10.67 7.19
C HIS A 37 -13.33 -11.84 7.83
N ASN A 38 -12.25 -11.47 8.49
CA ASN A 38 -11.37 -12.38 9.17
C ASN A 38 -10.60 -11.53 10.16
N ALA A 39 -11.24 -10.44 10.56
CA ALA A 39 -10.70 -9.49 11.51
C ALA A 39 -11.48 -9.60 12.80
N GLY A 40 -11.75 -10.85 13.19
CA GLY A 40 -12.54 -11.14 14.37
C GLY A 40 -12.27 -10.48 15.72
N HIS A 41 -13.27 -9.76 16.21
CA HIS A 41 -13.23 -9.10 17.51
C HIS A 41 -14.45 -9.56 18.30
N THR A 42 -14.25 -10.52 19.19
CA THR A 42 -15.35 -11.05 19.99
C THR A 42 -15.74 -10.06 21.04
N LEU A 43 -17.00 -10.11 21.47
CA LEU A 43 -17.48 -9.20 22.51
C LEU A 43 -18.91 -9.53 22.99
N VAL A 44 -19.16 -9.35 24.29
CA VAL A 44 -20.48 -9.59 24.86
C VAL A 44 -21.38 -8.45 24.47
N ILE A 45 -22.68 -8.69 24.32
CA ILE A 45 -23.57 -7.59 23.98
C ILE A 45 -24.82 -7.56 24.85
N ASN A 46 -25.77 -8.45 24.58
CA ASN A 46 -27.02 -8.48 25.35
C ASN A 46 -27.17 -9.82 26.05
N GLY A 47 -26.10 -10.23 26.72
CA GLY A 47 -26.08 -11.52 27.37
C GLY A 47 -25.57 -12.52 26.35
N GLU A 48 -25.82 -12.23 25.06
CA GLU A 48 -25.39 -13.05 23.92
C GLU A 48 -23.89 -12.79 23.64
N LYS A 49 -23.16 -13.84 23.24
CA LYS A 49 -21.73 -13.74 22.94
C LYS A 49 -21.44 -13.74 21.44
N THR A 50 -21.62 -12.60 20.77
CA THR A 50 -21.37 -12.57 19.32
C THR A 50 -19.99 -12.03 18.97
N VAL A 51 -19.53 -12.42 17.79
CA VAL A 51 -18.25 -12.00 17.25
C VAL A 51 -18.47 -11.27 15.94
N LEU A 52 -17.74 -10.17 15.77
CA LEU A 52 -17.82 -9.38 14.56
C LEU A 52 -16.51 -9.56 13.83
N HIS A 53 -16.54 -9.72 12.51
CA HIS A 53 -15.30 -9.92 11.74
C HIS A 53 -15.14 -8.85 10.68
N LEU A 54 -16.14 -8.00 10.53
CA LEU A 54 -16.08 -6.98 9.48
C LEU A 54 -16.34 -5.60 9.99
N ILE A 55 -17.47 -5.46 10.70
CA ILE A 55 -17.91 -4.19 11.28
C ILE A 55 -16.99 -3.79 12.46
N PRO A 56 -16.62 -2.51 12.55
CA PRO A 56 -15.76 -2.09 13.66
C PRO A 56 -16.49 -2.15 15.00
N SER A 57 -15.75 -2.37 16.08
CA SER A 57 -16.32 -2.49 17.45
C SER A 57 -17.03 -1.22 17.88
N GLY A 58 -16.62 -0.07 17.34
CA GLY A 58 -17.28 1.18 17.67
C GLY A 58 -18.74 1.26 17.24
N ILE A 59 -19.28 0.21 16.64
CA ILE A 59 -20.67 0.26 16.20
C ILE A 59 -21.63 0.37 17.40
N LEU A 60 -21.17 -0.03 18.59
CA LEU A 60 -22.00 0.09 19.79
C LEU A 60 -22.02 1.54 20.30
N ARG A 61 -20.86 2.19 20.21
CA ARG A 61 -20.74 3.53 20.73
C ARG A 61 -21.70 4.50 20.09
N GLU A 62 -22.41 5.21 20.95
CA GLU A 62 -23.44 6.15 20.59
C GLU A 62 -23.02 7.14 19.54
N ASN A 63 -22.02 7.95 19.86
CA ASN A 63 -21.60 8.98 18.93
C ASN A 63 -20.34 8.67 18.13
N VAL A 64 -20.18 7.43 17.70
CA VAL A 64 -19.01 7.07 16.90
C VAL A 64 -19.45 6.60 15.54
N THR A 65 -18.77 7.07 14.50
CA THR A 65 -19.04 6.59 13.14
C THR A 65 -17.98 5.52 12.81
N SER A 66 -18.42 4.33 12.38
CA SER A 66 -17.52 3.23 11.97
C SER A 66 -17.43 3.26 10.47
N ILE A 67 -16.22 3.26 9.93
CA ILE A 67 -16.03 3.36 8.48
C ILE A 67 -15.19 2.23 7.97
N ILE A 68 -15.68 1.61 6.90
CA ILE A 68 -14.93 0.58 6.23
C ILE A 68 -14.27 1.22 5.04
N GLY A 69 -12.93 1.34 5.12
CA GLY A 69 -12.16 1.93 4.04
C GLY A 69 -12.07 1.08 2.76
N ASN A 70 -11.62 1.69 1.65
CA ASN A 70 -11.47 1.03 0.35
C ASN A 70 -10.49 -0.11 0.34
N GLY A 71 -9.58 -0.14 1.33
CA GLY A 71 -8.59 -1.20 1.39
C GLY A 71 -9.22 -2.49 1.82
N VAL A 72 -10.46 -2.43 2.31
CA VAL A 72 -11.13 -3.66 2.76
C VAL A 72 -11.91 -4.33 1.64
N VAL A 73 -11.78 -5.66 1.52
CA VAL A 73 -12.54 -6.43 0.51
C VAL A 73 -13.89 -6.74 1.14
N LEU A 74 -14.98 -6.27 0.55
CA LEU A 74 -16.31 -6.43 1.15
C LEU A 74 -17.13 -7.66 0.68
N SER A 75 -17.73 -8.36 1.62
CA SER A 75 -18.59 -9.47 1.29
C SER A 75 -20.01 -9.12 1.74
N PRO A 76 -20.88 -8.65 0.80
CA PRO A 76 -22.25 -8.31 1.24
C PRO A 76 -22.88 -9.41 2.10
N ALA A 77 -22.77 -10.66 1.67
CA ALA A 77 -23.28 -11.78 2.41
C ALA A 77 -22.84 -11.68 3.88
N ALA A 78 -21.53 -11.47 4.11
CA ALA A 78 -20.99 -11.38 5.47
C ALA A 78 -21.32 -10.09 6.20
N LEU A 79 -21.80 -9.09 5.46
CA LEU A 79 -22.21 -7.80 6.00
C LEU A 79 -23.67 -7.88 6.59
N MET A 80 -24.62 -8.34 5.78
CA MET A 80 -26.02 -8.50 6.23
C MET A 80 -26.13 -9.35 7.50
N LYS A 81 -25.38 -10.45 7.57
CA LYS A 81 -25.40 -11.31 8.75
C LYS A 81 -25.09 -10.51 10.06
N GLU A 82 -23.89 -9.92 10.12
CA GLU A 82 -23.47 -9.13 11.27
C GLU A 82 -24.48 -8.06 11.57
N MET A 83 -24.81 -7.29 10.56
CA MET A 83 -25.81 -6.25 10.66
C MET A 83 -27.06 -6.90 11.30
N LYS A 84 -27.69 -7.84 10.59
CA LYS A 84 -28.88 -8.53 11.09
C LYS A 84 -28.73 -8.97 12.54
N GLU A 85 -27.56 -9.44 12.92
CA GLU A 85 -27.27 -9.88 14.29
C GLU A 85 -27.33 -8.69 15.28
N LEU A 86 -26.73 -7.56 14.92
CA LEU A 86 -26.75 -6.43 15.84
C LEU A 86 -28.03 -5.62 15.74
N GLU A 87 -28.59 -5.44 14.54
CA GLU A 87 -29.83 -4.68 14.47
C GLU A 87 -30.92 -5.37 15.28
N ASP A 88 -30.77 -6.68 15.48
CA ASP A 88 -31.67 -7.51 16.28
C ASP A 88 -31.39 -7.21 17.74
N ARG A 89 -30.12 -7.20 18.11
CA ARG A 89 -29.77 -6.89 19.50
C ARG A 89 -30.15 -5.45 19.87
N GLY A 90 -30.88 -4.76 19.00
CA GLY A 90 -31.32 -3.40 19.30
C GLY A 90 -30.39 -2.23 18.99
N ILE A 91 -29.42 -2.44 18.12
CA ILE A 91 -28.45 -1.41 17.72
C ILE A 91 -28.74 -0.90 16.29
N PRO A 92 -28.74 0.43 16.10
CA PRO A 92 -29.00 1.05 14.80
C PRO A 92 -27.81 1.08 13.79
N VAL A 93 -27.31 -0.09 13.43
CA VAL A 93 -26.16 -0.20 12.54
C VAL A 93 -26.31 0.67 11.29
N ARG A 94 -27.40 0.51 10.54
CA ARG A 94 -27.57 1.31 9.33
C ARG A 94 -27.27 2.77 9.61
N GLU A 95 -27.39 3.24 10.84
CA GLU A 95 -27.16 4.67 11.03
C GLU A 95 -25.76 5.04 11.54
N ARG A 96 -25.02 4.06 12.05
CA ARG A 96 -23.67 4.28 12.58
C ARG A 96 -22.54 3.82 11.63
N LEU A 97 -22.87 3.11 10.54
CA LEU A 97 -21.80 2.68 9.64
C LEU A 97 -21.82 3.36 8.30
N LEU A 98 -20.62 3.51 7.74
CA LEU A 98 -20.42 4.13 6.44
C LEU A 98 -19.39 3.33 5.72
N LEU A 99 -19.35 3.45 4.40
CA LEU A 99 -18.36 2.65 3.66
C LEU A 99 -17.96 3.23 2.30
N SER A 100 -16.73 2.94 1.89
CA SER A 100 -16.17 3.43 0.62
C SER A 100 -16.79 2.74 -0.60
N GLU A 101 -17.03 3.50 -1.66
CA GLU A 101 -17.55 2.93 -2.89
C GLU A 101 -16.45 2.21 -3.66
N ALA A 102 -15.20 2.44 -3.28
CA ALA A 102 -14.08 1.80 -3.96
C ALA A 102 -13.74 0.43 -3.36
N CYS A 103 -14.59 -0.10 -2.48
CA CYS A 103 -14.32 -1.38 -1.86
C CYS A 103 -14.53 -2.53 -2.83
N PRO A 104 -13.51 -3.35 -3.04
CA PRO A 104 -13.76 -4.45 -3.96
C PRO A 104 -14.87 -5.36 -3.38
N LEU A 105 -15.71 -5.94 -4.24
CA LEU A 105 -16.74 -6.86 -3.73
C LEU A 105 -16.28 -8.34 -3.77
N ILE A 106 -16.59 -9.09 -2.73
CA ILE A 106 -16.33 -10.54 -2.64
C ILE A 106 -17.66 -11.27 -2.88
N LEU A 107 -17.77 -12.04 -3.97
CA LEU A 107 -18.99 -12.78 -4.28
C LEU A 107 -18.75 -14.31 -4.30
N ASP A 108 -19.83 -15.08 -4.43
CA ASP A 108 -19.79 -16.55 -4.45
C ASP A 108 -18.65 -17.14 -5.26
N TYR A 109 -18.48 -16.70 -6.52
CA TYR A 109 -17.41 -17.24 -7.33
C TYR A 109 -16.04 -17.06 -6.64
N HIS A 110 -15.79 -15.92 -5.97
CA HIS A 110 -14.54 -15.73 -5.25
C HIS A 110 -14.30 -16.88 -4.26
N VAL A 111 -15.31 -17.21 -3.48
CA VAL A 111 -15.18 -18.33 -2.53
C VAL A 111 -15.04 -19.62 -3.29
N ALA A 112 -15.81 -19.75 -4.37
CA ALA A 112 -15.69 -20.96 -5.18
C ALA A 112 -14.23 -21.10 -5.61
N LEU A 113 -13.70 -20.01 -6.20
CA LEU A 113 -12.32 -19.98 -6.64
C LEU A 113 -11.34 -20.18 -5.47
N ASP A 114 -11.73 -19.81 -4.25
CA ASP A 114 -10.82 -19.99 -3.09
C ASP A 114 -10.79 -21.46 -2.70
N ASN A 115 -11.97 -22.00 -2.44
CA ASN A 115 -12.09 -23.39 -2.06
C ASN A 115 -11.25 -24.25 -2.98
N ALA A 116 -11.68 -24.38 -4.23
CA ALA A 116 -10.95 -25.19 -5.21
C ALA A 116 -9.43 -25.04 -5.03
N ARG A 117 -8.94 -23.80 -4.95
CA ARG A 117 -7.50 -23.54 -4.81
C ARG A 117 -6.82 -24.26 -3.64
N GLU A 118 -7.55 -24.74 -2.63
CA GLU A 118 -6.85 -25.45 -1.54
C GLU A 118 -7.02 -26.95 -1.69
N LYS A 119 -8.27 -27.41 -1.66
CA LYS A 119 -8.51 -28.83 -1.78
C LYS A 119 -7.86 -29.39 -3.04
N ALA A 120 -7.45 -28.51 -3.96
CA ALA A 120 -6.73 -28.94 -5.17
C ALA A 120 -5.30 -29.25 -4.80
N ARG A 121 -4.42 -28.27 -4.86
CA ARG A 121 -3.04 -28.54 -4.48
C ARG A 121 -2.99 -28.71 -2.96
N GLY A 122 -3.65 -29.75 -2.45
CA GLY A 122 -3.66 -29.95 -1.02
C GLY A 122 -4.80 -30.76 -0.42
N ALA A 123 -5.07 -31.94 -0.98
CA ALA A 123 -6.10 -32.80 -0.43
C ALA A 123 -5.90 -32.93 1.08
N LYS A 124 -4.85 -33.64 1.49
CA LYS A 124 -4.51 -33.77 2.91
C LYS A 124 -3.29 -32.90 3.19
N ALA A 125 -3.38 -31.62 2.81
CA ALA A 125 -2.25 -30.70 2.99
C ALA A 125 -2.69 -29.23 3.06
N ILE A 126 -1.90 -28.33 2.46
CA ILE A 126 -2.17 -26.88 2.52
C ILE A 126 -2.57 -26.23 1.16
N GLY A 127 -3.05 -24.98 1.20
CA GLY A 127 -3.46 -24.26 0.00
C GLY A 127 -3.93 -22.80 0.16
N THR A 128 -5.22 -22.55 -0.06
CA THR A 128 -5.76 -21.19 0.06
C THR A 128 -7.27 -21.12 0.52
N THR A 129 -8.05 -22.17 0.22
CA THR A 129 -9.50 -22.33 0.55
C THR A 129 -10.04 -21.40 1.64
N GLY A 130 -11.35 -21.15 1.60
CA GLY A 130 -11.96 -20.31 2.60
C GLY A 130 -12.92 -19.18 2.24
N ARG A 131 -12.47 -17.99 2.59
CA ARG A 131 -13.22 -16.74 2.46
C ARG A 131 -13.31 -16.14 1.08
N GLY A 132 -12.24 -16.21 0.31
CA GLY A 132 -12.24 -15.64 -1.02
C GLY A 132 -11.75 -14.21 -0.99
N ILE A 133 -10.82 -13.90 -0.07
CA ILE A 133 -10.28 -12.54 0.05
C ILE A 133 -9.26 -12.30 -1.05
N GLY A 134 -8.34 -13.25 -1.23
CA GLY A 134 -7.34 -13.13 -2.24
C GLY A 134 -7.93 -13.14 -3.62
N PRO A 135 -8.86 -14.09 -3.97
CA PRO A 135 -9.34 -13.96 -5.34
C PRO A 135 -9.97 -12.60 -5.55
N ALA A 136 -10.51 -12.03 -4.45
CA ALA A 136 -11.15 -10.72 -4.49
C ALA A 136 -10.17 -9.59 -4.78
N TYR A 137 -8.92 -9.71 -4.32
CA TYR A 137 -7.90 -8.69 -4.58
C TYR A 137 -7.30 -8.86 -6.00
N GLU A 138 -7.07 -10.12 -6.39
CA GLU A 138 -6.51 -10.40 -7.69
C GLU A 138 -7.31 -9.74 -8.82
N ASP A 139 -8.64 -9.70 -8.64
CA ASP A 139 -9.58 -9.08 -9.58
C ASP A 139 -9.43 -7.56 -9.54
N LYS A 140 -9.28 -7.03 -8.33
CA LYS A 140 -9.10 -5.59 -8.20
C LYS A 140 -7.88 -5.23 -8.95
N VAL A 141 -6.86 -6.07 -8.80
CA VAL A 141 -5.60 -5.84 -9.49
C VAL A 141 -5.69 -6.01 -11.03
N ALA A 142 -6.34 -7.08 -11.50
CA ALA A 142 -6.44 -7.25 -12.96
C ALA A 142 -7.40 -6.21 -13.60
N ARG A 143 -8.19 -5.56 -12.77
CA ARG A 143 -9.13 -4.57 -13.24
C ARG A 143 -10.34 -5.22 -13.90
N ARG A 144 -10.88 -6.20 -13.20
CA ARG A 144 -12.08 -6.90 -13.65
C ARG A 144 -13.15 -6.75 -12.54
N GLY A 145 -12.77 -7.01 -11.29
CA GLY A 145 -13.71 -6.91 -10.19
C GLY A 145 -14.61 -5.69 -10.08
N LEU A 146 -15.69 -5.90 -9.34
CA LEU A 146 -16.68 -4.88 -9.15
C LEU A 146 -16.46 -4.12 -7.84
N ARG A 147 -17.12 -2.97 -7.70
CA ARG A 147 -16.94 -2.20 -6.49
C ARG A 147 -18.29 -1.70 -5.99
N VAL A 148 -18.40 -1.40 -4.70
CA VAL A 148 -19.68 -0.92 -4.17
C VAL A 148 -20.24 0.11 -5.12
N GLY A 149 -19.35 0.96 -5.60
CA GLY A 149 -19.71 2.01 -6.55
C GLY A 149 -20.46 1.50 -7.78
N ASP A 150 -20.21 0.27 -8.18
CA ASP A 150 -20.89 -0.23 -9.37
C ASP A 150 -22.36 -0.38 -9.12
N LEU A 151 -22.74 -0.57 -7.86
CA LEU A 151 -24.15 -0.82 -7.46
C LEU A 151 -25.15 0.27 -7.82
N PHE A 152 -24.65 1.48 -8.04
CA PHE A 152 -25.49 2.60 -8.40
C PHE A 152 -26.24 2.34 -9.73
N ASP A 153 -25.59 1.72 -10.71
CA ASP A 153 -26.28 1.40 -11.96
C ASP A 153 -26.51 -0.09 -11.96
N LYS A 154 -27.75 -0.47 -11.64
CA LYS A 154 -28.14 -1.86 -11.54
C LYS A 154 -28.06 -2.60 -12.85
N GLU A 155 -27.98 -1.88 -13.95
CA GLU A 155 -27.91 -2.53 -15.25
C GLU A 155 -26.45 -2.66 -15.71
N THR A 156 -25.69 -1.59 -15.50
CA THR A 156 -24.29 -1.68 -15.88
C THR A 156 -23.65 -2.77 -15.05
N PHE A 157 -24.13 -2.90 -13.81
CA PHE A 157 -23.67 -3.94 -12.89
C PHE A 157 -23.91 -5.34 -13.45
N ALA A 158 -25.12 -5.56 -13.95
CA ALA A 158 -25.52 -6.86 -14.52
C ALA A 158 -24.58 -7.34 -15.60
N GLU A 159 -24.33 -6.50 -16.61
CA GLU A 159 -23.42 -6.88 -17.69
C GLU A 159 -21.99 -7.07 -17.19
N LYS A 160 -21.50 -6.17 -16.33
CA LYS A 160 -20.15 -6.34 -15.81
C LYS A 160 -19.99 -7.73 -15.16
N LEU A 161 -20.97 -8.09 -14.32
CA LEU A 161 -20.98 -9.36 -13.64
C LEU A 161 -21.02 -10.54 -14.63
N LYS A 162 -21.86 -10.46 -15.66
CA LYS A 162 -21.93 -11.57 -16.58
C LYS A 162 -20.55 -11.87 -17.15
N GLU A 163 -19.88 -10.82 -17.60
CA GLU A 163 -18.54 -11.01 -18.15
C GLU A 163 -17.55 -11.70 -17.16
N VAL A 164 -17.39 -11.13 -15.96
CA VAL A 164 -16.42 -11.70 -15.03
C VAL A 164 -16.80 -13.13 -14.65
N MET A 165 -18.09 -13.37 -14.49
CA MET A 165 -18.58 -14.70 -14.16
C MET A 165 -18.25 -15.70 -15.26
N GLU A 166 -18.21 -15.25 -16.50
CA GLU A 166 -17.87 -16.16 -17.57
C GLU A 166 -16.40 -16.57 -17.50
N TYR A 167 -15.52 -15.57 -17.30
CA TYR A 167 -14.07 -15.76 -17.18
C TYR A 167 -13.75 -16.70 -16.03
N HIS A 168 -14.38 -16.47 -14.89
CA HIS A 168 -14.16 -17.32 -13.72
C HIS A 168 -14.83 -18.70 -13.85
N ASN A 169 -16.03 -18.78 -14.40
CA ASN A 169 -16.69 -20.06 -14.59
C ASN A 169 -15.82 -21.02 -15.46
N PHE A 170 -15.24 -20.46 -16.51
CA PHE A 170 -14.37 -21.23 -17.37
C PHE A 170 -13.25 -21.93 -16.57
N GLN A 171 -12.68 -21.18 -15.63
CA GLN A 171 -11.61 -21.65 -14.77
C GLN A 171 -12.03 -22.81 -13.92
N LEU A 172 -13.10 -22.60 -13.17
CA LEU A 172 -13.61 -23.64 -12.28
C LEU A 172 -13.98 -24.92 -13.06
N VAL A 173 -14.75 -24.77 -14.12
CA VAL A 173 -15.15 -25.93 -14.90
C VAL A 173 -13.98 -26.65 -15.58
N ASN A 174 -13.32 -26.03 -16.56
CA ASN A 174 -12.23 -26.71 -17.25
C ASN A 174 -10.97 -26.87 -16.42
N TYR A 175 -10.41 -25.80 -15.94
CA TYR A 175 -9.19 -25.93 -15.19
C TYR A 175 -9.37 -26.72 -13.89
N TYR A 176 -10.42 -26.40 -13.14
CA TYR A 176 -10.63 -26.98 -11.81
C TYR A 176 -11.51 -28.20 -11.72
N LYS A 177 -12.50 -28.30 -12.58
CA LYS A 177 -13.40 -29.44 -12.50
C LYS A 177 -14.25 -29.29 -11.23
N ALA A 178 -14.73 -28.08 -11.02
CA ALA A 178 -15.58 -27.80 -9.90
C ALA A 178 -16.89 -27.29 -10.43
N GLU A 179 -17.90 -27.14 -9.57
CA GLU A 179 -19.20 -26.66 -10.00
C GLU A 179 -19.10 -25.20 -10.49
N ALA A 180 -19.90 -24.87 -11.51
CA ALA A 180 -19.92 -23.55 -12.08
C ALA A 180 -21.02 -22.73 -11.43
N VAL A 181 -20.62 -21.66 -10.73
CA VAL A 181 -21.50 -20.76 -10.02
C VAL A 181 -22.58 -20.18 -10.94
N ASP A 182 -23.80 -20.17 -10.43
CA ASP A 182 -24.96 -19.64 -11.16
C ASP A 182 -24.94 -18.10 -11.22
N TYR A 183 -24.90 -17.52 -12.42
CA TYR A 183 -24.87 -16.05 -12.56
C TYR A 183 -26.11 -15.38 -11.99
N GLN A 184 -27.27 -15.99 -12.15
CA GLN A 184 -28.52 -15.39 -11.65
C GLN A 184 -28.65 -15.51 -10.12
N LYS A 185 -28.17 -16.61 -9.55
CA LYS A 185 -28.21 -16.75 -8.10
C LYS A 185 -27.44 -15.57 -7.47
N VAL A 186 -26.31 -15.25 -8.06
CA VAL A 186 -25.47 -14.18 -7.60
C VAL A 186 -26.14 -12.84 -7.85
N LEU A 187 -26.63 -12.65 -9.07
CA LEU A 187 -27.31 -11.42 -9.45
C LEU A 187 -28.44 -11.10 -8.48
N ASP A 188 -29.29 -12.09 -8.25
CA ASP A 188 -30.39 -11.92 -7.34
C ASP A 188 -29.97 -11.55 -5.92
N ASP A 189 -28.94 -12.21 -5.42
CA ASP A 189 -28.43 -11.99 -4.08
C ASP A 189 -27.82 -10.59 -3.91
N THR A 190 -27.16 -10.09 -4.95
CA THR A 190 -26.55 -8.76 -4.86
C THR A 190 -27.60 -7.61 -5.00
N MET A 191 -28.63 -7.82 -5.84
CA MET A 191 -29.72 -6.83 -6.03
C MET A 191 -30.67 -6.80 -4.83
N ALA A 192 -30.84 -7.92 -4.14
CA ALA A 192 -31.72 -7.96 -3.00
C ALA A 192 -31.36 -6.88 -2.00
N VAL A 193 -30.09 -6.40 -2.06
CA VAL A 193 -29.60 -5.39 -1.11
C VAL A 193 -28.82 -4.21 -1.70
N ALA A 194 -28.62 -4.18 -3.01
CA ALA A 194 -27.89 -3.07 -3.58
C ALA A 194 -28.17 -1.74 -2.85
N ASP A 195 -29.44 -1.36 -2.72
CA ASP A 195 -29.80 -0.07 -2.14
C ASP A 195 -29.52 0.11 -0.65
N ILE A 196 -29.22 -0.96 0.08
CA ILE A 196 -28.87 -0.78 1.49
C ILE A 196 -27.45 -0.27 1.54
N LEU A 197 -26.60 -0.95 0.79
CA LEU A 197 -25.21 -0.55 0.75
C LEU A 197 -25.03 0.81 0.09
N THR A 198 -25.61 1.04 -1.08
CA THR A 198 -25.36 2.32 -1.73
C THR A 198 -25.74 3.50 -0.85
N SER A 199 -26.59 3.27 0.18
CA SER A 199 -27.01 4.34 1.11
C SER A 199 -26.05 4.55 2.32
N MET A 200 -25.04 3.70 2.50
CA MET A 200 -24.11 3.91 3.60
C MET A 200 -22.78 4.49 3.08
N VAL A 201 -22.75 4.66 1.77
CA VAL A 201 -21.58 5.15 1.08
C VAL A 201 -21.28 6.63 1.33
N VAL A 202 -19.99 6.94 1.32
CA VAL A 202 -19.50 8.30 1.50
C VAL A 202 -18.10 8.42 0.89
N ASP A 203 -17.69 9.66 0.58
CA ASP A 203 -16.33 9.91 0.08
C ASP A 203 -15.51 9.88 1.38
N VAL A 204 -14.77 8.79 1.58
CA VAL A 204 -14.06 8.59 2.84
C VAL A 204 -12.80 9.42 3.04
N SER A 205 -12.07 9.68 1.96
CA SER A 205 -10.87 10.46 2.10
C SER A 205 -11.20 11.92 2.28
N ASP A 206 -12.36 12.34 1.82
CA ASP A 206 -12.73 13.75 1.96
C ASP A 206 -13.26 14.01 3.34
N LEU A 207 -13.88 12.96 3.89
CA LEU A 207 -14.45 12.94 5.21
C LEU A 207 -13.32 12.99 6.23
N LEU A 208 -12.38 12.04 6.15
CA LEU A 208 -11.25 11.99 7.08
C LEU A 208 -10.46 13.26 7.05
N ASP A 209 -10.42 13.91 5.90
CA ASP A 209 -9.72 15.19 5.77
C ASP A 209 -10.46 16.25 6.58
N GLN A 210 -11.79 16.33 6.42
CA GLN A 210 -12.62 17.28 7.18
C GLN A 210 -12.38 17.07 8.64
N ALA A 211 -12.41 15.81 9.06
CA ALA A 211 -12.18 15.44 10.46
C ALA A 211 -10.79 15.91 10.92
N ARG A 212 -9.77 15.73 10.08
CA ARG A 212 -8.42 16.12 10.41
C ARG A 212 -8.26 17.65 10.58
N GLN A 213 -9.11 18.44 9.92
CA GLN A 213 -8.99 19.86 10.09
C GLN A 213 -9.77 20.33 11.29
N ARG A 214 -10.90 19.70 11.54
CA ARG A 214 -11.65 20.08 12.71
C ARG A 214 -11.07 19.41 13.94
N GLY A 215 -9.94 18.74 13.73
CA GLY A 215 -9.30 18.04 14.81
C GLY A 215 -10.07 16.95 15.52
N ASP A 216 -10.82 16.12 14.81
CA ASP A 216 -11.55 15.02 15.45
C ASP A 216 -10.62 13.84 15.76
N PHE A 217 -10.99 13.01 16.73
CA PHE A 217 -10.19 11.84 17.08
C PHE A 217 -10.52 10.63 16.17
N VAL A 218 -9.60 10.26 15.30
CA VAL A 218 -9.85 9.11 14.43
C VAL A 218 -8.94 7.96 14.79
N MET A 219 -9.52 6.78 14.97
CA MET A 219 -8.71 5.58 15.25
C MET A 219 -8.76 4.66 14.04
N PHE A 220 -7.61 4.13 13.67
CA PHE A 220 -7.49 3.18 12.57
C PHE A 220 -7.22 1.82 13.21
N GLU A 221 -7.96 0.80 12.78
CA GLU A 221 -7.83 -0.51 13.38
C GLU A 221 -7.35 -1.60 12.43
N GLY A 222 -6.17 -2.15 12.68
CA GLY A 222 -5.66 -3.23 11.87
C GLY A 222 -6.35 -4.55 12.23
N ALA A 223 -6.29 -5.55 11.35
CA ALA A 223 -6.95 -6.82 11.65
C ALA A 223 -5.96 -7.94 12.07
N GLN A 224 -4.91 -8.18 11.29
CA GLN A 224 -4.00 -9.28 11.59
C GLN A 224 -2.78 -8.85 12.36
N GLY A 225 -1.64 -9.47 12.09
CA GLY A 225 -0.42 -9.13 12.80
C GLY A 225 0.70 -8.83 11.84
N THR A 226 1.43 -7.76 12.16
CA THR A 226 2.57 -7.23 11.42
C THR A 226 3.42 -8.31 10.69
N LEU A 227 3.87 -9.34 11.39
CA LEU A 227 4.75 -10.29 10.74
C LEU A 227 4.10 -11.21 9.72
N LEU A 228 2.79 -11.04 9.49
CA LEU A 228 2.09 -11.83 8.50
C LEU A 228 1.95 -11.06 7.19
N ASP A 229 2.50 -9.85 7.17
CA ASP A 229 2.44 -8.96 6.02
C ASP A 229 2.81 -9.68 4.71
N ILE A 230 1.94 -9.53 3.72
CA ILE A 230 2.11 -10.10 2.41
C ILE A 230 3.50 -9.87 1.87
N ASP A 231 4.00 -8.65 2.04
CA ASP A 231 5.32 -8.27 1.53
C ASP A 231 6.44 -8.39 2.53
N HIS A 232 6.22 -7.88 3.74
CA HIS A 232 7.26 -7.82 4.74
C HIS A 232 7.13 -8.87 5.81
N GLY A 233 6.43 -9.95 5.54
CA GLY A 233 6.27 -10.98 6.56
C GLY A 233 7.24 -12.13 6.35
N THR A 234 6.98 -13.22 7.09
CA THR A 234 7.79 -14.42 7.01
C THR A 234 7.40 -15.27 5.79
N TYR A 235 7.61 -14.68 4.62
CA TYR A 235 7.29 -15.32 3.35
C TYR A 235 7.96 -16.71 3.30
N PRO A 236 7.29 -17.71 2.71
CA PRO A 236 5.96 -17.66 2.11
C PRO A 236 4.83 -17.76 3.16
N TYR A 237 5.21 -17.94 4.43
CA TYR A 237 4.22 -18.07 5.51
C TYR A 237 3.62 -16.72 5.85
N VAL A 238 2.64 -16.31 5.07
CA VAL A 238 2.04 -15.01 5.30
C VAL A 238 0.57 -15.01 4.95
N THR A 239 -0.09 -13.87 5.00
CA THR A 239 -1.48 -13.84 4.62
C THR A 239 -1.68 -13.06 3.33
N SER A 240 -2.94 -12.75 3.04
CA SER A 240 -3.36 -12.07 1.81
C SER A 240 -2.96 -10.63 1.70
N SER A 241 -3.41 -9.79 2.62
CA SER A 241 -3.17 -8.36 2.53
C SER A 241 -1.97 -7.91 3.34
N ASN A 242 -1.70 -6.62 3.23
CA ASN A 242 -0.65 -6.03 4.03
C ASN A 242 -1.19 -5.88 5.47
N THR A 243 -0.30 -5.97 6.45
CA THR A 243 -0.68 -5.84 7.85
C THR A 243 0.04 -4.67 8.57
N THR A 244 0.96 -3.99 7.91
CA THR A 244 1.69 -2.90 8.59
C THR A 244 0.96 -1.55 8.54
N ALA A 245 1.56 -0.54 9.15
CA ALA A 245 0.90 0.78 9.16
C ALA A 245 0.95 1.41 7.78
N GLY A 246 1.80 0.87 6.92
CA GLY A 246 1.92 1.42 5.59
C GLY A 246 0.59 1.50 4.87
N GLY A 247 -0.38 0.65 5.24
CA GLY A 247 -1.64 0.63 4.55
C GLY A 247 -2.78 1.52 4.94
N VAL A 248 -2.57 2.33 5.97
CA VAL A 248 -3.61 3.25 6.43
C VAL A 248 -3.87 4.29 5.33
N ALA A 249 -2.80 4.75 4.68
CA ALA A 249 -2.95 5.75 3.64
C ALA A 249 -3.63 5.16 2.41
N THR A 250 -3.04 4.11 1.85
CA THR A 250 -3.57 3.42 0.67
C THR A 250 -4.98 2.91 0.91
N GLY A 251 -5.16 2.21 2.04
CA GLY A 251 -6.47 1.67 2.38
C GLY A 251 -7.61 2.61 2.81
N SER A 252 -7.32 3.89 3.11
CA SER A 252 -8.38 4.81 3.51
C SER A 252 -8.36 6.15 2.72
N GLY A 253 -7.25 6.45 2.06
CA GLY A 253 -7.15 7.68 1.30
C GLY A 253 -6.57 8.83 2.12
N LEU A 254 -6.13 8.57 3.33
CA LEU A 254 -5.54 9.60 4.17
C LEU A 254 -4.04 9.81 3.85
N GLY A 255 -3.58 11.06 3.84
CA GLY A 255 -2.19 11.31 3.52
C GLY A 255 -1.20 10.69 4.46
N PRO A 256 0.00 10.34 3.98
CA PRO A 256 1.00 9.73 4.84
C PRO A 256 1.34 10.58 6.05
N ARG A 257 1.54 11.88 5.82
CA ARG A 257 1.96 12.78 6.90
C ARG A 257 0.93 13.02 7.99
N TYR A 258 -0.26 12.49 7.82
CA TYR A 258 -1.32 12.67 8.82
C TYR A 258 -1.37 11.53 9.84
N VAL A 259 -0.50 10.57 9.75
CA VAL A 259 -0.53 9.52 10.77
C VAL A 259 0.16 10.07 12.00
N ASP A 260 -0.57 10.26 13.10
CA ASP A 260 0.06 10.87 14.28
C ASP A 260 0.80 9.89 15.19
N TYR A 261 0.11 8.79 15.52
CA TYR A 261 0.61 7.82 16.48
C TYR A 261 0.25 6.40 16.07
N VAL A 262 1.21 5.50 16.21
CA VAL A 262 1.01 4.11 15.87
C VAL A 262 1.20 3.24 17.10
N LEU A 263 0.11 2.75 17.67
CA LEU A 263 0.22 1.89 18.85
C LEU A 263 0.36 0.44 18.42
N GLY A 264 1.46 -0.19 18.82
CA GLY A 264 1.72 -1.56 18.47
C GLY A 264 1.46 -2.47 19.64
N ILE A 265 0.38 -3.22 19.62
CA ILE A 265 0.07 -4.16 20.69
C ILE A 265 1.10 -5.29 20.65
N LEU A 266 1.57 -5.71 21.81
CA LEU A 266 2.60 -6.72 21.85
C LEU A 266 2.45 -7.65 23.05
N LYS A 267 2.29 -8.95 22.75
CA LYS A 267 2.14 -9.94 23.79
C LYS A 267 3.42 -10.14 24.55
N ALA A 268 3.28 -10.26 25.87
CA ALA A 268 4.35 -10.47 26.87
C ALA A 268 5.23 -11.66 26.60
N TYR A 269 4.79 -12.54 25.69
CA TYR A 269 5.46 -13.76 25.22
C TYR A 269 4.96 -14.08 23.78
N SER A 270 5.46 -15.11 23.13
CA SER A 270 5.06 -15.32 21.74
C SER A 270 4.23 -16.53 21.47
N THR A 271 3.36 -16.41 20.46
CA THR A 271 2.56 -17.53 19.98
C THR A 271 2.43 -17.43 18.49
N ARG A 272 2.30 -18.60 17.86
CA ARG A 272 2.13 -18.73 16.41
C ARG A 272 1.17 -19.87 16.10
N VAL A 273 0.15 -19.62 15.29
CA VAL A 273 -0.75 -20.69 14.89
C VAL A 273 -0.35 -21.19 13.50
N GLY A 274 -0.08 -22.47 13.36
CA GLY A 274 0.32 -22.96 12.05
C GLY A 274 1.81 -22.91 11.73
N ALA A 275 2.16 -23.49 10.59
CA ALA A 275 3.51 -23.58 10.09
C ALA A 275 4.13 -22.19 9.93
N GLY A 276 5.44 -22.16 10.08
CA GLY A 276 6.15 -20.90 9.95
C GLY A 276 7.37 -20.87 10.86
N PRO A 277 8.38 -20.05 10.50
CA PRO A 277 9.54 -20.00 11.37
C PRO A 277 9.05 -19.42 12.68
N PHE A 278 9.75 -19.76 13.77
CA PHE A 278 9.44 -19.33 15.12
C PHE A 278 10.68 -19.63 16.02
N PRO A 279 11.77 -18.90 15.79
CA PRO A 279 13.07 -18.99 16.46
C PRO A 279 13.09 -19.02 17.99
N THR A 280 11.97 -18.67 18.61
CA THR A 280 11.87 -18.68 20.04
C THR A 280 10.87 -19.76 20.57
N GLU A 281 10.39 -20.62 19.70
CA GLU A 281 9.46 -21.64 20.17
C GLU A 281 10.07 -22.50 21.27
N LEU A 282 9.30 -22.78 22.29
CA LEU A 282 9.75 -23.62 23.37
C LEU A 282 9.30 -25.08 23.11
N PHE A 283 10.12 -26.04 23.54
CA PHE A 283 9.78 -27.46 23.39
C PHE A 283 9.86 -28.15 24.73
N ASP A 284 9.94 -27.37 25.82
CA ASP A 284 10.03 -27.86 27.21
C ASP A 284 8.74 -27.60 28.01
N GLU A 285 8.83 -27.69 29.33
CA GLU A 285 7.63 -27.49 30.17
C GLU A 285 7.18 -26.05 30.30
N THR A 286 8.09 -25.10 30.05
CA THR A 286 7.75 -23.67 30.10
C THR A 286 6.77 -23.35 28.99
N GLY A 287 7.05 -23.89 27.80
CA GLY A 287 6.19 -23.69 26.65
C GLY A 287 4.77 -24.17 26.93
N GLU A 288 4.63 -25.27 27.68
CA GLU A 288 3.30 -25.81 27.99
C GLU A 288 2.60 -24.97 29.05
N PHE A 289 3.41 -24.37 29.91
CA PHE A 289 2.93 -23.51 30.99
C PHE A 289 2.36 -22.19 30.44
N LEU A 290 3.06 -21.62 29.46
CA LEU A 290 2.61 -20.38 28.83
C LEU A 290 1.36 -20.65 28.05
N CYS A 291 1.37 -21.76 27.34
CA CYS A 291 0.22 -22.16 26.55
C CYS A 291 -0.97 -22.24 27.51
N LYS A 292 -0.90 -23.18 28.44
CA LYS A 292 -1.95 -23.41 29.42
C LYS A 292 -2.38 -22.15 30.19
N GLN A 293 -1.44 -21.52 30.91
CA GLN A 293 -1.70 -20.33 31.71
C GLN A 293 -2.35 -19.18 30.95
N GLY A 294 -1.89 -18.98 29.73
CA GLY A 294 -2.41 -17.91 28.90
C GLY A 294 -3.64 -18.36 28.16
N ASN A 295 -4.09 -19.57 28.47
CA ASN A 295 -5.28 -20.11 27.82
C ASN A 295 -5.19 -19.85 26.32
N GLU A 296 -4.14 -20.42 25.72
CA GLU A 296 -3.88 -20.28 24.31
C GLU A 296 -4.27 -21.54 23.51
N PHE A 297 -5.02 -22.45 24.12
CA PHE A 297 -5.42 -23.68 23.42
C PHE A 297 -6.34 -23.38 22.26
N GLY A 298 -5.81 -22.69 21.25
CA GLY A 298 -6.59 -22.31 20.08
C GLY A 298 -7.84 -21.53 20.46
N ALA A 299 -7.78 -20.92 21.66
CA ALA A 299 -8.88 -20.15 22.23
C ALA A 299 -9.40 -19.02 21.33
N THR A 300 -8.58 -18.05 21.00
CA THR A 300 -9.05 -16.94 20.16
C THR A 300 -9.25 -17.35 18.69
N THR A 301 -8.24 -18.03 18.16
CA THR A 301 -8.20 -18.46 16.77
C THR A 301 -6.93 -19.29 16.58
N GLY A 302 -7.01 -20.58 16.88
CA GLY A 302 -5.83 -21.41 16.76
C GLY A 302 -5.98 -22.91 16.65
N ARG A 303 -5.67 -23.42 15.46
CA ARG A 303 -5.73 -24.86 15.16
C ARG A 303 -4.44 -25.55 15.63
N ARG A 304 -3.48 -24.71 16.02
CA ARG A 304 -2.17 -25.10 16.51
C ARG A 304 -1.48 -23.86 17.05
N ARG A 305 -1.45 -23.67 18.37
CA ARG A 305 -0.81 -22.48 18.92
C ARG A 305 0.52 -22.76 19.58
N ARG A 306 1.60 -22.54 18.85
CA ARG A 306 2.92 -22.75 19.39
C ARG A 306 3.22 -21.58 20.33
N THR A 307 4.18 -21.71 21.26
CA THR A 307 4.55 -20.57 22.16
C THR A 307 6.06 -20.47 22.33
N GLY A 308 6.53 -19.27 22.66
CA GLY A 308 7.95 -19.01 22.89
C GLY A 308 8.21 -17.73 23.68
N TRP A 309 9.48 -17.48 24.02
CA TRP A 309 9.88 -16.26 24.73
C TRP A 309 9.70 -15.04 23.81
N LEU A 310 9.90 -13.83 24.33
CA LEU A 310 9.72 -12.62 23.52
C LEU A 310 10.87 -12.48 22.51
N ASP A 311 10.57 -12.22 21.24
CA ASP A 311 11.62 -12.11 20.20
C ASP A 311 11.97 -10.65 19.87
N THR A 312 12.70 -10.01 20.75
CA THR A 312 13.13 -8.63 20.59
C THR A 312 13.67 -8.36 19.15
N VAL A 313 14.35 -9.34 18.55
CA VAL A 313 14.93 -9.18 17.22
C VAL A 313 13.86 -9.00 16.15
N ALA A 314 12.77 -9.80 16.23
CA ALA A 314 11.60 -9.73 15.34
C ALA A 314 10.74 -8.54 15.71
N VAL A 315 10.81 -8.16 16.98
CA VAL A 315 10.02 -7.02 17.43
C VAL A 315 10.68 -5.73 16.95
N ARG A 316 11.99 -5.76 16.87
CA ARG A 316 12.73 -4.62 16.34
C ARG A 316 12.23 -4.34 14.88
N ARG A 317 12.09 -5.38 14.08
CA ARG A 317 11.62 -5.25 12.73
C ARG A 317 10.19 -4.66 12.75
N ALA A 318 9.29 -5.21 13.55
CA ALA A 318 7.95 -4.64 13.54
C ALA A 318 7.96 -3.12 13.75
N VAL A 319 8.96 -2.59 14.46
CA VAL A 319 9.08 -1.13 14.73
C VAL A 319 9.40 -0.36 13.45
N GLN A 320 10.34 -0.86 12.68
CA GLN A 320 10.75 -0.27 11.42
C GLN A 320 9.60 -0.17 10.47
N LEU A 321 8.90 -1.28 10.34
CA LEU A 321 7.80 -1.40 9.42
C LEU A 321 6.64 -0.43 9.65
N ASN A 322 6.20 -0.29 10.91
CA ASN A 322 5.08 0.60 11.22
C ASN A 322 5.54 1.97 11.75
N SER A 323 6.85 2.20 11.95
CA SER A 323 7.36 3.42 12.57
C SER A 323 6.59 3.61 13.84
N LEU A 324 6.59 2.58 14.67
CA LEU A 324 5.81 2.62 15.91
C LEU A 324 6.16 3.78 16.82
N SER A 325 5.19 4.17 17.63
CA SER A 325 5.38 5.24 18.61
C SER A 325 5.44 4.67 20.00
N GLY A 326 4.59 3.70 20.28
CA GLY A 326 4.57 3.08 21.57
C GLY A 326 3.97 1.70 21.58
N PHE A 327 4.37 0.91 22.56
CA PHE A 327 3.84 -0.44 22.71
C PHE A 327 2.69 -0.40 23.72
N CYS A 328 2.07 -1.57 23.89
CA CYS A 328 1.02 -1.85 24.89
C CYS A 328 1.35 -3.28 25.34
N LEU A 329 2.08 -3.38 26.46
CA LEU A 329 2.44 -4.70 26.97
C LEU A 329 1.14 -5.38 27.42
N THR A 330 0.96 -6.59 26.90
CA THR A 330 -0.21 -7.39 27.14
C THR A 330 0.10 -8.76 27.78
N LYS A 331 -0.84 -9.23 28.57
CA LYS A 331 -0.74 -10.53 29.25
C LYS A 331 0.51 -10.72 30.13
N LEU A 332 1.02 -9.71 30.80
CA LEU A 332 2.20 -9.97 31.62
C LEU A 332 1.80 -10.96 32.78
N ASP A 333 0.52 -10.89 33.19
CA ASP A 333 -0.06 -11.76 34.24
C ASP A 333 0.19 -13.25 33.94
N VAL A 334 0.31 -13.59 32.66
CA VAL A 334 0.57 -14.96 32.25
C VAL A 334 1.98 -15.42 32.67
N LEU A 335 2.86 -14.50 33.10
CA LEU A 335 4.23 -14.88 33.50
C LEU A 335 4.43 -14.99 35.02
N ASP A 336 3.43 -14.66 35.83
CA ASP A 336 3.58 -14.73 37.28
C ASP A 336 3.95 -16.12 37.78
N GLY A 337 4.94 -16.23 38.66
CA GLY A 337 5.27 -17.54 39.16
C GLY A 337 6.46 -18.16 38.47
N LEU A 338 6.86 -17.63 37.32
CA LEU A 338 8.03 -18.19 36.65
C LEU A 338 9.29 -17.92 37.48
N LYS A 339 10.12 -18.94 37.65
CA LYS A 339 11.34 -18.75 38.40
C LYS A 339 12.30 -17.86 37.63
N GLU A 340 12.12 -17.80 36.32
CA GLU A 340 13.04 -17.04 35.46
C GLU A 340 12.42 -16.75 34.08
N VAL A 341 12.70 -15.56 33.55
CA VAL A 341 12.18 -15.12 32.26
C VAL A 341 13.31 -14.84 31.26
N LYS A 342 13.06 -15.09 29.97
CA LYS A 342 14.02 -14.87 28.89
C LYS A 342 13.44 -13.95 27.81
N LEU A 343 14.34 -13.20 27.16
CA LEU A 343 14.01 -12.37 25.99
C LEU A 343 15.09 -12.59 24.94
N CYS A 344 14.67 -12.89 23.71
CA CYS A 344 15.62 -13.14 22.63
C CYS A 344 16.23 -11.83 22.13
N VAL A 345 17.56 -11.78 21.94
CA VAL A 345 18.18 -10.49 21.50
C VAL A 345 18.96 -10.62 20.19
N ALA A 346 19.36 -11.82 19.80
CA ALA A 346 20.10 -11.98 18.59
C ALA A 346 19.84 -13.34 18.01
N TYR A 347 20.22 -13.52 16.76
CA TYR A 347 20.09 -14.80 16.08
C TYR A 347 21.44 -15.28 15.65
N ARG A 348 21.69 -16.57 15.85
CA ARG A 348 22.90 -17.20 15.42
C ARG A 348 22.54 -17.94 14.16
N MET A 349 23.17 -17.56 13.07
CA MET A 349 22.88 -18.16 11.79
C MET A 349 23.64 -19.46 11.66
N PRO A 350 23.11 -20.39 10.85
CA PRO A 350 23.73 -21.71 10.61
C PRO A 350 25.15 -21.61 10.04
N ASP A 351 25.55 -20.41 9.60
CA ASP A 351 26.90 -20.19 9.08
C ASP A 351 27.81 -19.75 10.21
N GLY A 352 27.27 -19.72 11.42
CA GLY A 352 28.10 -19.35 12.55
C GLY A 352 28.14 -17.88 12.93
N ARG A 353 27.57 -17.00 12.12
CA ARG A 353 27.59 -15.60 12.51
C ARG A 353 26.38 -15.27 13.37
N GLU A 354 26.57 -14.30 14.26
CA GLU A 354 25.51 -13.87 15.13
C GLU A 354 24.98 -12.54 14.60
N VAL A 355 23.65 -12.39 14.58
CA VAL A 355 22.99 -11.22 13.99
C VAL A 355 21.85 -10.63 14.87
N THR A 356 21.64 -9.32 14.82
CA THR A 356 20.57 -8.70 15.60
C THR A 356 19.40 -8.22 14.74
N THR A 357 19.42 -8.57 13.47
CA THR A 357 18.35 -8.17 12.55
C THR A 357 17.67 -9.39 11.96
N THR A 358 16.37 -9.25 11.71
CA THR A 358 15.55 -10.30 11.11
C THR A 358 16.24 -10.82 9.85
N PRO A 359 16.75 -12.06 9.90
CA PRO A 359 17.40 -12.50 8.66
C PRO A 359 16.36 -12.39 7.53
N LEU A 360 16.87 -12.26 6.33
CA LEU A 360 16.05 -12.13 5.13
C LEU A 360 14.89 -13.11 5.20
N ALA A 361 13.70 -12.65 4.81
CA ALA A 361 12.50 -13.52 4.84
C ALA A 361 12.63 -14.59 3.79
N ALA A 362 13.79 -15.23 3.81
CA ALA A 362 14.17 -16.29 2.89
C ALA A 362 15.66 -16.53 3.05
N ASP A 363 16.00 -17.34 4.05
CA ASP A 363 17.39 -17.70 4.35
C ASP A 363 17.43 -19.08 5.02
N ASP A 364 17.45 -19.16 6.35
CA ASP A 364 17.49 -20.45 7.00
C ASP A 364 16.92 -20.38 8.40
N TRP A 365 15.72 -19.83 8.50
CA TRP A 365 15.04 -19.66 9.76
C TRP A 365 15.07 -20.92 10.64
N LYS A 366 14.60 -22.05 10.10
CA LYS A 366 14.55 -23.33 10.84
C LYS A 366 15.92 -23.73 11.40
N GLY A 367 16.98 -23.10 10.93
CA GLY A 367 18.28 -23.41 11.44
C GLY A 367 18.83 -22.32 12.34
N VAL A 368 18.06 -21.27 12.65
CA VAL A 368 18.60 -20.18 13.46
C VAL A 368 18.57 -20.45 14.97
N GLU A 369 19.66 -20.09 15.63
CA GLU A 369 19.78 -20.23 17.07
C GLU A 369 19.61 -18.87 17.75
N PRO A 370 18.61 -18.72 18.61
CA PRO A 370 18.42 -17.42 19.27
C PRO A 370 19.26 -17.21 20.53
N ILE A 371 19.92 -16.05 20.58
CA ILE A 371 20.71 -15.69 21.74
C ILE A 371 19.77 -15.14 22.79
N TYR A 372 19.69 -15.82 23.93
CA TYR A 372 18.79 -15.45 24.98
C TYR A 372 19.44 -14.66 26.09
N GLU A 373 18.72 -13.62 26.50
CA GLU A 373 19.08 -12.76 27.61
C GLU A 373 18.28 -13.27 28.83
N THR A 374 18.95 -13.84 29.81
CA THR A 374 18.22 -14.37 30.98
C THR A 374 18.04 -13.34 32.11
N MET A 375 16.83 -13.32 32.68
CA MET A 375 16.42 -12.39 33.73
C MET A 375 15.58 -13.05 34.80
N PRO A 376 15.77 -12.64 36.07
CA PRO A 376 15.06 -13.13 37.27
C PRO A 376 13.55 -12.82 37.21
N GLY A 377 12.72 -13.71 37.73
CA GLY A 377 11.28 -13.50 37.70
C GLY A 377 10.55 -13.05 38.96
N TRP A 378 9.23 -13.26 39.01
CA TRP A 378 8.40 -12.86 40.17
C TRP A 378 7.37 -13.88 40.58
N SER A 379 7.24 -14.07 41.90
CA SER A 379 6.30 -15.03 42.48
C SER A 379 4.92 -14.40 42.67
N GLU A 380 4.90 -13.08 42.77
CA GLU A 380 3.66 -12.37 42.98
C GLU A 380 2.72 -12.40 41.78
N SER A 381 1.47 -12.04 42.07
CA SER A 381 0.42 -11.96 41.08
C SER A 381 0.40 -10.57 40.47
N THR A 382 0.53 -10.54 39.16
CA THR A 382 0.49 -9.29 38.44
C THR A 382 -0.89 -9.11 37.80
N PHE A 383 -1.68 -10.18 37.86
CA PHE A 383 -3.00 -10.22 37.26
C PHE A 383 -4.03 -9.40 38.03
N GLY A 384 -4.39 -8.25 37.48
CA GLY A 384 -5.36 -7.42 38.16
C GLY A 384 -4.86 -6.06 38.63
N VAL A 385 -3.54 -5.89 38.77
CA VAL A 385 -2.95 -4.61 39.20
C VAL A 385 -3.47 -3.44 38.34
N LYS A 386 -3.69 -2.28 38.97
CA LYS A 386 -4.22 -1.09 38.29
C LYS A 386 -3.28 0.14 38.32
N ASP A 387 -2.19 0.07 39.08
CA ASP A 387 -1.22 1.16 39.14
C ASP A 387 0.18 0.58 39.11
N ARG A 388 1.10 1.25 38.44
CA ARG A 388 2.46 0.71 38.33
C ARG A 388 3.35 0.87 39.58
N SER A 389 2.79 0.55 40.73
CA SER A 389 3.51 0.57 42.00
C SER A 389 3.20 -0.75 42.69
N GLY A 390 1.97 -1.21 42.49
CA GLY A 390 1.57 -2.47 43.05
C GLY A 390 2.13 -3.60 42.18
N LEU A 391 3.13 -3.27 41.34
CA LEU A 391 3.76 -4.24 40.46
C LEU A 391 5.11 -4.62 40.97
N PRO A 392 5.47 -5.91 40.90
CA PRO A 392 6.79 -6.36 41.37
C PRO A 392 7.94 -5.52 40.80
N GLN A 393 9.15 -5.78 41.29
CA GLN A 393 10.34 -5.05 40.87
C GLN A 393 11.06 -5.74 39.72
N ALA A 394 10.77 -7.03 39.51
CA ALA A 394 11.37 -7.81 38.42
C ALA A 394 10.60 -7.58 37.15
N ALA A 395 9.29 -7.42 37.32
CA ALA A 395 8.37 -7.16 36.22
C ALA A 395 8.72 -5.82 35.56
N LEU A 396 9.12 -4.84 36.36
CA LEU A 396 9.50 -3.54 35.85
C LEU A 396 10.85 -3.64 35.15
N ASN A 397 11.68 -4.56 35.59
CA ASN A 397 12.95 -4.69 34.92
C ASN A 397 12.75 -5.24 33.54
N TYR A 398 11.88 -6.24 33.46
CA TYR A 398 11.54 -6.85 32.19
C TYR A 398 11.01 -5.73 31.29
N ILE A 399 10.04 -5.01 31.81
CA ILE A 399 9.46 -3.92 31.08
C ILE A 399 10.53 -2.94 30.55
N LYS A 400 11.55 -2.67 31.35
CA LYS A 400 12.62 -1.78 30.92
C LYS A 400 13.55 -2.47 29.93
N ARG A 401 13.87 -3.75 30.14
CA ARG A 401 14.74 -4.46 29.16
C ARG A 401 14.11 -4.40 27.76
N ILE A 402 12.79 -4.57 27.69
CA ILE A 402 12.11 -4.48 26.39
C ILE A 402 12.32 -3.08 25.81
N GLU A 403 11.93 -2.05 26.55
CA GLU A 403 12.06 -0.63 26.10
C GLU A 403 13.43 -0.29 25.54
N GLU A 404 14.47 -0.59 26.30
CA GLU A 404 15.80 -0.30 25.84
C GLU A 404 16.15 -1.12 24.59
N LEU A 405 15.73 -2.40 24.57
CA LEU A 405 16.01 -3.31 23.45
C LEU A 405 15.34 -2.91 22.14
N THR A 406 14.22 -2.23 22.21
CA THR A 406 13.52 -1.85 21.00
C THR A 406 13.66 -0.36 20.71
N GLY A 407 13.87 0.42 21.75
CA GLY A 407 14.01 1.85 21.58
C GLY A 407 12.63 2.51 21.53
N VAL A 408 11.60 1.81 22.02
CA VAL A 408 10.24 2.31 22.02
C VAL A 408 9.64 2.10 23.42
N PRO A 409 8.87 3.07 23.92
CA PRO A 409 8.30 2.91 25.27
C PRO A 409 7.00 2.17 25.35
N ILE A 410 6.69 1.63 26.52
CA ILE A 410 5.40 1.01 26.73
C ILE A 410 4.51 2.09 27.37
N ASP A 411 3.34 2.36 26.79
CA ASP A 411 2.50 3.43 27.32
C ASP A 411 1.19 2.95 27.94
N ILE A 412 0.90 1.67 27.83
CA ILE A 412 -0.30 1.04 28.38
C ILE A 412 0.07 -0.37 28.83
N ILE A 413 -0.60 -0.88 29.87
CA ILE A 413 -0.32 -2.22 30.35
C ILE A 413 -1.61 -2.97 30.77
N SER A 414 -1.97 -3.99 29.99
CA SER A 414 -3.15 -4.75 30.35
C SER A 414 -2.71 -5.83 31.30
N THR A 415 -3.23 -5.78 32.53
CA THR A 415 -2.88 -6.72 33.59
C THR A 415 -3.98 -7.73 33.80
N GLY A 416 -4.94 -7.74 32.88
CA GLY A 416 -6.04 -8.67 33.00
C GLY A 416 -7.10 -8.42 31.95
N PRO A 417 -8.09 -9.31 31.85
CA PRO A 417 -9.16 -9.17 30.87
C PRO A 417 -10.19 -8.02 31.04
N ASP A 418 -10.51 -7.63 32.27
CA ASP A 418 -11.49 -6.55 32.45
C ASP A 418 -10.88 -5.17 32.17
N ARG A 419 -11.64 -4.34 31.47
CA ARG A 419 -11.21 -3.01 31.09
C ARG A 419 -10.49 -2.27 32.19
N THR A 420 -11.03 -2.26 33.40
CA THR A 420 -10.39 -1.49 34.46
C THR A 420 -8.97 -1.99 34.80
N GLU A 421 -8.64 -3.22 34.42
CA GLU A 421 -7.30 -3.73 34.68
C GLU A 421 -6.33 -3.16 33.64
N THR A 422 -6.22 -1.84 33.59
CA THR A 422 -5.38 -1.17 32.62
C THR A 422 -4.59 -0.02 33.23
N MET A 423 -3.34 0.16 32.80
CA MET A 423 -2.46 1.25 33.27
C MET A 423 -2.01 2.15 32.10
N ILE A 424 -2.86 3.09 31.72
CA ILE A 424 -2.52 3.98 30.60
C ILE A 424 -1.42 4.96 31.00
N LEU A 425 -0.17 4.59 30.78
CA LEU A 425 0.94 5.45 31.13
C LEU A 425 1.08 6.67 30.20
N ARG A 426 0.46 6.68 29.02
CA ARG A 426 0.62 7.87 28.18
C ARG A 426 -0.58 8.24 27.31
N ASP A 427 -1.40 7.29 26.87
CA ASP A 427 -2.59 7.65 26.08
C ASP A 427 -2.25 8.35 24.74
N PRO A 428 -2.35 7.59 23.64
CA PRO A 428 -2.08 8.01 22.25
C PRO A 428 -2.79 9.29 21.77
N PHE A 429 -4.00 9.55 22.28
CA PHE A 429 -4.81 10.68 21.84
C PHE A 429 -4.33 12.06 22.32
N ASP A 430 -3.83 12.10 23.55
CA ASP A 430 -3.31 13.32 24.12
C ASP A 430 -1.84 13.51 23.69
N ALA A 431 -1.16 12.39 23.48
CA ALA A 431 0.25 12.34 23.10
C ALA A 431 0.59 13.22 21.92
N GLY B 1 12.52 18.39 4.48
CA GLY B 1 13.09 17.40 5.43
C GLY B 1 14.06 16.41 4.77
N ASN B 2 14.67 15.56 5.59
CA ASN B 2 15.67 14.56 5.17
C ASN B 2 15.16 13.48 4.21
N ASN B 3 13.95 12.98 4.43
CA ASN B 3 13.33 11.98 3.57
C ASN B 3 12.32 12.64 2.65
N VAL B 4 12.60 12.65 1.35
CA VAL B 4 11.73 13.32 0.41
C VAL B 4 11.08 12.42 -0.65
N VAL B 5 9.81 12.68 -0.93
CA VAL B 5 9.09 11.95 -1.94
C VAL B 5 8.77 12.88 -3.15
N VAL B 6 9.08 12.41 -4.35
CA VAL B 6 8.81 13.19 -5.55
C VAL B 6 7.84 12.44 -6.46
N LEU B 7 6.74 13.07 -6.84
CA LEU B 7 5.77 12.39 -7.69
C LEU B 7 4.90 13.35 -8.50
N GLY B 8 4.30 12.81 -9.58
CA GLY B 8 3.44 13.57 -10.44
C GLY B 8 2.08 13.69 -9.79
N THR B 9 1.50 14.89 -9.84
CA THR B 9 0.22 15.16 -9.17
C THR B 9 -0.99 15.11 -10.08
N GLN B 10 -0.76 14.81 -11.36
CA GLN B 10 -1.84 14.79 -12.32
C GLN B 10 -2.03 13.38 -12.92
N TRP B 11 -2.05 13.26 -14.24
CA TRP B 11 -2.21 11.97 -14.91
C TRP B 11 -0.95 11.53 -15.67
N GLY B 12 0.23 11.95 -15.23
CA GLY B 12 1.45 11.57 -15.89
C GLY B 12 2.01 12.67 -16.78
N ASP B 13 3.25 12.50 -17.21
CA ASP B 13 3.90 13.46 -18.12
C ASP B 13 3.96 14.88 -17.58
N GLU B 14 4.28 15.03 -16.29
CA GLU B 14 4.34 16.36 -15.66
C GLU B 14 5.72 17.08 -15.82
N GLY B 15 6.78 16.30 -16.07
CA GLY B 15 8.10 16.88 -16.24
C GLY B 15 8.96 16.68 -15.02
N LYS B 16 8.87 15.51 -14.41
CA LYS B 16 9.64 15.28 -13.21
C LYS B 16 11.12 14.93 -13.50
N GLY B 17 11.40 14.41 -14.68
CA GLY B 17 12.78 14.04 -15.03
C GLY B 17 13.89 14.94 -14.53
N LYS B 18 13.84 16.21 -14.92
CA LYS B 18 14.88 17.19 -14.53
C LYS B 18 14.99 17.40 -13.03
N ILE B 19 13.84 17.64 -12.38
CA ILE B 19 13.81 17.87 -10.94
C ILE B 19 14.51 16.75 -10.20
N VAL B 20 14.20 15.52 -10.60
CA VAL B 20 14.80 14.34 -10.02
C VAL B 20 16.34 14.34 -10.21
N ASP B 21 16.80 14.60 -11.44
CA ASP B 21 18.25 14.65 -11.66
C ASP B 21 18.85 15.77 -10.81
N LEU B 22 18.15 16.89 -10.77
CA LEU B 22 18.63 18.00 -9.99
C LEU B 22 18.73 17.65 -8.50
N LEU B 23 17.65 17.12 -7.93
CA LEU B 23 17.66 16.77 -6.52
C LEU B 23 18.49 15.52 -6.19
N THR B 24 18.84 14.73 -7.20
CA THR B 24 19.65 13.54 -6.96
C THR B 24 21.11 13.94 -6.75
N GLU B 25 21.41 15.20 -7.04
CA GLU B 25 22.74 15.74 -6.83
C GLU B 25 23.05 15.87 -5.32
N ARG B 26 22.00 16.00 -4.50
CA ARG B 26 22.19 16.18 -3.06
C ARG B 26 21.83 14.93 -2.24
N ALA B 27 21.33 13.88 -2.87
CA ALA B 27 20.88 12.67 -2.14
C ALA B 27 21.94 11.60 -2.03
N LYS B 28 21.86 10.81 -0.97
CA LYS B 28 22.78 9.68 -0.75
C LYS B 28 22.14 8.43 -1.30
N TYR B 29 20.81 8.35 -1.12
CA TYR B 29 20.03 7.21 -1.55
C TYR B 29 18.84 7.63 -2.42
N VAL B 30 18.62 6.91 -3.51
CA VAL B 30 17.51 7.17 -4.44
C VAL B 30 16.69 5.88 -4.55
N VAL B 31 15.41 5.95 -4.21
CA VAL B 31 14.58 4.75 -4.15
C VAL B 31 13.32 4.74 -5.04
N ARG B 32 13.17 3.62 -5.77
CA ARG B 32 11.99 3.35 -6.60
C ARG B 32 11.05 2.53 -5.73
N TYR B 33 9.75 2.80 -5.74
CA TYR B 33 8.88 2.06 -4.84
C TYR B 33 7.59 1.54 -5.49
N GLN B 34 7.40 1.75 -6.78
CA GLN B 34 6.19 1.24 -7.41
C GLN B 34 6.31 1.14 -8.93
N GLY B 35 5.29 0.61 -9.59
CA GLY B 35 5.37 0.48 -11.03
C GLY B 35 6.38 -0.60 -11.43
N GLY B 36 6.91 -0.47 -12.64
CA GLY B 36 7.89 -1.44 -13.13
C GLY B 36 8.76 -0.81 -14.19
N HIS B 37 9.02 -1.54 -15.27
CA HIS B 37 9.85 -1.02 -16.36
C HIS B 37 9.05 -0.06 -17.27
N ASN B 38 8.48 0.96 -16.63
CA ASN B 38 7.67 1.95 -17.31
C ASN B 38 7.97 3.37 -16.77
N ALA B 39 9.13 3.54 -16.13
CA ALA B 39 9.52 4.82 -15.54
C ALA B 39 9.69 5.91 -16.58
N GLY B 40 10.41 5.60 -17.65
CA GLY B 40 10.63 6.59 -18.70
C GLY B 40 11.49 7.75 -18.27
N HIS B 41 12.75 7.73 -18.69
CA HIS B 41 13.66 8.81 -18.35
C HIS B 41 14.77 8.94 -19.39
N THR B 42 14.62 9.94 -20.25
CA THR B 42 15.63 10.19 -21.26
C THR B 42 16.76 10.98 -20.62
N LEU B 43 17.96 10.43 -20.67
CA LEU B 43 19.11 11.09 -20.09
C LEU B 43 19.63 12.19 -20.98
N VAL B 44 19.67 13.39 -20.42
CA VAL B 44 20.15 14.60 -21.09
C VAL B 44 20.82 15.51 -20.05
N ILE B 45 20.15 15.67 -18.92
CA ILE B 45 20.68 16.49 -17.83
C ILE B 45 21.88 15.77 -17.21
N ASN B 46 23.01 15.84 -17.92
CA ASN B 46 24.27 15.18 -17.52
C ASN B 46 24.33 13.76 -18.10
N GLY B 47 23.16 13.17 -18.36
CA GLY B 47 23.12 11.83 -18.92
C GLY B 47 23.24 11.84 -20.42
N GLU B 48 24.17 11.05 -20.94
CA GLU B 48 24.44 10.97 -22.38
C GLU B 48 23.19 11.12 -23.27
N LYS B 49 22.63 9.99 -23.70
CA LYS B 49 21.44 10.00 -24.55
C LYS B 49 20.79 8.62 -24.57
N THR B 50 19.97 8.33 -23.56
CA THR B 50 19.29 7.04 -23.50
C THR B 50 18.09 7.12 -22.55
N VAL B 51 17.14 6.20 -22.69
CA VAL B 51 15.97 6.19 -21.83
C VAL B 51 16.04 5.02 -20.85
N LEU B 52 16.06 5.33 -19.56
CA LEU B 52 16.08 4.28 -18.55
C LEU B 52 14.68 4.09 -18.05
N HIS B 53 14.20 2.85 -18.06
CA HIS B 53 12.83 2.58 -17.61
C HIS B 53 12.80 1.84 -16.29
N LEU B 54 13.95 1.34 -15.84
CA LEU B 54 13.97 0.57 -14.60
C LEU B 54 14.95 1.14 -13.57
N ILE B 55 16.24 1.17 -13.93
CA ILE B 55 17.26 1.70 -13.02
C ILE B 55 17.11 3.21 -12.89
N PRO B 56 17.30 3.75 -11.68
CA PRO B 56 17.17 5.20 -11.47
C PRO B 56 18.33 5.97 -12.10
N SER B 57 18.06 7.22 -12.45
CA SER B 57 19.10 8.08 -13.02
C SER B 57 20.21 8.31 -12.01
N GLY B 58 19.92 8.04 -10.74
CA GLY B 58 20.94 8.23 -9.72
C GLY B 58 22.10 7.31 -9.97
N ILE B 59 21.94 6.41 -10.92
CA ILE B 59 22.98 5.46 -11.27
C ILE B 59 24.17 6.13 -11.96
N LEU B 60 23.98 7.38 -12.41
CA LEU B 60 25.08 8.10 -13.06
C LEU B 60 26.07 8.67 -12.03
N ARG B 61 25.54 9.20 -10.94
CA ARG B 61 26.35 9.85 -9.90
C ARG B 61 27.12 8.87 -8.99
N GLU B 62 28.42 9.09 -8.89
CA GLU B 62 29.32 8.21 -8.12
C GLU B 62 29.13 8.25 -6.60
N ASN B 63 28.41 9.23 -6.09
CA ASN B 63 28.24 9.35 -4.64
C ASN B 63 26.92 8.72 -4.15
N VAL B 64 26.02 8.39 -5.07
CA VAL B 64 24.71 7.86 -4.69
C VAL B 64 24.61 6.34 -4.82
N THR B 65 23.66 5.78 -4.07
CA THR B 65 23.30 4.36 -4.12
C THR B 65 21.86 4.28 -4.61
N SER B 66 21.62 3.64 -5.74
CA SER B 66 20.25 3.50 -6.25
C SER B 66 19.63 2.21 -5.73
N ILE B 67 18.43 2.32 -5.15
CA ILE B 67 17.73 1.17 -4.57
C ILE B 67 16.40 0.93 -5.26
N ILE B 68 16.13 -0.35 -5.57
CA ILE B 68 14.88 -0.75 -6.19
C ILE B 68 14.04 -1.49 -5.14
N GLY B 69 13.10 -0.79 -4.53
CA GLY B 69 12.27 -1.39 -3.48
C GLY B 69 11.39 -2.56 -3.88
N ASN B 70 10.83 -3.25 -2.89
CA ASN B 70 9.98 -4.41 -3.12
C ASN B 70 8.71 -4.07 -3.88
N GLY B 71 8.28 -2.82 -3.84
CA GLY B 71 7.06 -2.42 -4.53
C GLY B 71 7.20 -2.40 -6.04
N VAL B 72 8.43 -2.59 -6.50
CA VAL B 72 8.71 -2.58 -7.93
C VAL B 72 8.75 -4.01 -8.47
N VAL B 73 7.98 -4.23 -9.54
CA VAL B 73 7.98 -5.51 -10.21
C VAL B 73 9.24 -5.59 -11.10
N LEU B 74 10.10 -6.58 -10.87
CA LEU B 74 11.39 -6.70 -11.57
C LEU B 74 11.49 -7.74 -12.72
N SER B 75 11.74 -7.26 -13.94
CA SER B 75 11.95 -8.12 -15.10
C SER B 75 13.43 -8.28 -15.30
N PRO B 76 13.97 -9.49 -15.03
CA PRO B 76 15.40 -9.77 -15.19
C PRO B 76 15.94 -9.40 -16.59
N ALA B 77 15.12 -9.51 -17.61
CA ALA B 77 15.57 -9.21 -18.97
C ALA B 77 15.75 -7.70 -19.20
N ALA B 78 14.81 -6.91 -18.67
CA ALA B 78 14.85 -5.45 -18.82
C ALA B 78 16.07 -4.85 -18.11
N LEU B 79 16.34 -5.35 -16.92
CA LEU B 79 17.46 -4.92 -16.11
C LEU B 79 18.81 -5.19 -16.80
N MET B 80 19.08 -6.47 -17.11
CA MET B 80 20.32 -6.87 -17.76
C MET B 80 20.61 -6.02 -19.01
N LYS B 81 19.57 -5.74 -19.79
CA LYS B 81 19.77 -4.90 -20.98
C LYS B 81 20.29 -3.52 -20.54
N GLU B 82 19.62 -2.89 -19.57
CA GLU B 82 20.00 -1.56 -19.04
C GLU B 82 21.40 -1.53 -18.42
N MET B 83 21.77 -2.60 -17.70
CA MET B 83 23.08 -2.70 -17.04
C MET B 83 24.20 -2.67 -18.05
N LYS B 84 24.23 -3.72 -18.86
CA LYS B 84 25.23 -3.90 -19.90
C LYS B 84 25.31 -2.64 -20.75
N GLU B 85 24.16 -2.02 -20.95
CA GLU B 85 24.08 -0.77 -21.68
C GLU B 85 24.92 0.30 -20.96
N LEU B 86 24.71 0.45 -19.65
CA LEU B 86 25.47 1.44 -18.88
C LEU B 86 26.92 0.97 -18.71
N GLU B 87 27.11 -0.31 -18.45
CA GLU B 87 28.46 -0.85 -18.30
C GLU B 87 29.27 -0.60 -19.58
N ASP B 88 28.60 -0.60 -20.73
CA ASP B 88 29.30 -0.31 -21.98
C ASP B 88 29.79 1.14 -21.97
N ARG B 89 29.06 1.99 -21.25
CA ARG B 89 29.42 3.39 -21.13
C ARG B 89 30.28 3.59 -19.86
N GLY B 90 30.97 2.54 -19.45
CA GLY B 90 31.84 2.62 -18.30
C GLY B 90 31.23 2.91 -16.94
N ILE B 91 29.89 2.95 -16.84
CA ILE B 91 29.25 3.20 -15.55
C ILE B 91 29.27 1.90 -14.74
N PRO B 92 29.81 1.93 -13.51
CA PRO B 92 29.86 0.72 -12.67
C PRO B 92 28.54 0.38 -11.95
N VAL B 93 27.52 0.03 -12.73
CA VAL B 93 26.16 -0.29 -12.23
C VAL B 93 26.09 -1.33 -11.08
N ARG B 94 26.75 -2.47 -11.23
CA ARG B 94 26.67 -3.52 -10.22
C ARG B 94 27.17 -3.15 -8.83
N GLU B 95 27.93 -2.06 -8.71
CA GLU B 95 28.41 -1.69 -7.38
C GLU B 95 27.71 -0.44 -6.85
N ARG B 96 26.67 0.00 -7.53
CA ARG B 96 25.96 1.21 -7.12
C ARG B 96 24.45 0.97 -7.05
N LEU B 97 24.01 -0.26 -7.31
CA LEU B 97 22.60 -0.60 -7.30
C LEU B 97 22.32 -1.75 -6.35
N LEU B 98 21.23 -1.64 -5.59
CA LEU B 98 20.82 -2.65 -4.62
C LEU B 98 19.35 -3.00 -4.83
N LEU B 99 18.99 -4.26 -4.56
CA LEU B 99 17.62 -4.75 -4.76
C LEU B 99 17.08 -5.41 -3.49
N SER B 100 15.75 -5.47 -3.42
CA SER B 100 15.05 -6.14 -2.33
C SER B 100 14.79 -7.59 -2.74
N GLU B 101 14.86 -8.50 -1.78
CA GLU B 101 14.59 -9.92 -2.01
C GLU B 101 13.08 -10.14 -2.25
N ALA B 102 12.26 -9.15 -1.93
CA ALA B 102 10.81 -9.29 -2.08
C ALA B 102 10.27 -8.77 -3.42
N CYS B 103 11.13 -8.31 -4.32
CA CYS B 103 10.68 -7.83 -5.62
C CYS B 103 10.18 -8.99 -6.44
N PRO B 104 8.94 -8.89 -6.94
CA PRO B 104 8.35 -9.94 -7.77
C PRO B 104 9.04 -9.98 -9.12
N LEU B 105 9.18 -11.17 -9.67
CA LEU B 105 9.83 -11.28 -10.96
C LEU B 105 8.84 -11.27 -12.11
N ILE B 106 9.11 -10.48 -13.14
CA ILE B 106 8.29 -10.50 -14.32
C ILE B 106 8.97 -11.50 -15.25
N LEU B 107 8.18 -12.38 -15.86
CA LEU B 107 8.75 -13.44 -16.69
C LEU B 107 7.97 -13.60 -17.99
N ASP B 108 8.56 -14.33 -18.94
CA ASP B 108 7.98 -14.53 -20.27
C ASP B 108 6.45 -14.71 -20.26
N TYR B 109 5.95 -15.63 -19.45
CA TYR B 109 4.51 -15.88 -19.41
C TYR B 109 3.69 -14.66 -18.95
N HIS B 110 4.32 -13.76 -18.18
CA HIS B 110 3.65 -12.53 -17.72
C HIS B 110 3.46 -11.59 -18.92
N VAL B 111 4.47 -11.49 -19.77
CA VAL B 111 4.36 -10.66 -20.96
C VAL B 111 3.39 -11.33 -21.94
N ALA B 112 3.52 -12.65 -22.07
CA ALA B 112 2.67 -13.44 -22.95
C ALA B 112 1.18 -13.20 -22.67
N LEU B 113 0.81 -13.13 -21.39
CA LEU B 113 -0.59 -12.88 -20.98
C LEU B 113 -1.05 -11.48 -21.43
N ASP B 114 -0.27 -10.47 -21.11
CA ASP B 114 -0.61 -9.12 -21.51
C ASP B 114 -0.91 -9.01 -23.02
N ASN B 115 0.03 -9.51 -23.84
CA ASN B 115 -0.14 -9.50 -25.29
C ASN B 115 -1.46 -10.15 -25.74
N ALA B 116 -1.90 -11.19 -25.04
CA ALA B 116 -3.18 -11.82 -25.40
C ALA B 116 -4.34 -10.95 -24.93
N ARG B 117 -4.27 -10.42 -23.72
CA ARG B 117 -5.35 -9.58 -23.24
C ARG B 117 -5.58 -8.37 -24.18
N GLU B 118 -4.49 -7.76 -24.64
CA GLU B 118 -4.60 -6.65 -25.56
C GLU B 118 -5.23 -7.09 -26.89
N LYS B 119 -5.13 -8.39 -27.18
CA LYS B 119 -5.74 -8.94 -28.38
C LYS B 119 -7.21 -9.30 -28.08
N ALA B 120 -7.39 -10.19 -27.11
CA ALA B 120 -8.72 -10.65 -26.73
C ALA B 120 -9.68 -9.50 -26.55
N ARG B 121 -9.31 -8.51 -25.75
CA ARG B 121 -10.19 -7.38 -25.50
C ARG B 121 -10.27 -6.42 -26.68
N GLY B 122 -11.47 -5.89 -26.92
CA GLY B 122 -11.69 -4.95 -28.01
C GLY B 122 -11.14 -5.37 -29.36
N ALA B 123 -10.00 -4.79 -29.71
CA ALA B 123 -9.34 -5.08 -30.98
C ALA B 123 -8.06 -4.28 -31.14
N LYS B 124 -7.34 -4.53 -32.22
CA LYS B 124 -6.10 -3.83 -32.49
C LYS B 124 -6.32 -2.33 -32.57
N ALA B 125 -6.00 -1.63 -31.48
CA ALA B 125 -6.14 -0.18 -31.42
C ALA B 125 -4.98 0.43 -30.64
N ILE B 126 -3.76 0.21 -31.15
CA ILE B 126 -2.53 0.69 -30.51
C ILE B 126 -2.34 0.02 -29.15
N GLY B 127 -2.27 -1.31 -29.18
CA GLY B 127 -2.13 -2.08 -27.96
C GLY B 127 -0.82 -1.89 -27.21
N THR B 128 -0.71 -0.78 -26.50
CA THR B 128 0.51 -0.51 -25.74
C THR B 128 0.36 -0.94 -24.27
N THR B 129 0.25 -2.24 -24.05
CA THR B 129 0.10 -2.78 -22.69
C THR B 129 0.84 -4.12 -22.48
N GLY B 130 1.45 -4.67 -23.53
CA GLY B 130 2.17 -5.93 -23.39
C GLY B 130 3.48 -5.78 -22.63
N ARG B 131 3.38 -5.62 -21.31
CA ARG B 131 4.56 -5.43 -20.47
C ARG B 131 4.71 -6.53 -19.41
N GLY B 132 3.60 -6.94 -18.81
CA GLY B 132 3.65 -7.97 -17.78
C GLY B 132 3.68 -7.42 -16.36
N ILE B 133 3.52 -6.10 -16.26
CA ILE B 133 3.53 -5.42 -14.97
C ILE B 133 2.28 -5.78 -14.14
N GLY B 134 1.09 -5.61 -14.73
CA GLY B 134 -0.12 -6.00 -14.02
C GLY B 134 -0.14 -7.47 -13.60
N PRO B 135 0.13 -8.45 -14.52
CA PRO B 135 0.14 -9.89 -14.21
C PRO B 135 1.11 -10.33 -13.12
N ALA B 136 2.23 -9.64 -12.99
CA ALA B 136 3.13 -9.97 -11.90
C ALA B 136 2.49 -9.55 -10.57
N TYR B 137 1.72 -8.47 -10.59
CA TYR B 137 1.04 -7.97 -9.39
C TYR B 137 -0.11 -8.89 -8.99
N GLU B 138 -0.73 -9.53 -9.98
CA GLU B 138 -1.83 -10.46 -9.77
C GLU B 138 -1.35 -11.73 -9.10
N ASP B 139 -0.25 -12.29 -9.61
CA ASP B 139 0.31 -13.50 -9.03
C ASP B 139 0.75 -13.26 -7.60
N LYS B 140 1.27 -12.07 -7.32
CA LYS B 140 1.70 -11.71 -5.98
C LYS B 140 0.52 -11.71 -4.98
N VAL B 141 -0.50 -10.90 -5.26
CA VAL B 141 -1.65 -10.83 -4.37
C VAL B 141 -2.37 -12.18 -4.27
N ALA B 142 -2.35 -12.96 -5.37
CA ALA B 142 -2.96 -14.28 -5.37
C ALA B 142 -2.03 -15.32 -4.73
N ARG B 143 -0.81 -14.89 -4.43
CA ARG B 143 0.19 -15.70 -3.75
C ARG B 143 0.68 -16.92 -4.51
N ARG B 144 0.90 -16.79 -5.80
CA ARG B 144 1.41 -17.90 -6.60
C ARG B 144 2.66 -17.49 -7.39
N GLY B 145 3.04 -16.22 -7.28
CA GLY B 145 4.18 -15.72 -8.02
C GLY B 145 5.52 -16.05 -7.40
N LEU B 146 6.57 -15.51 -8.03
CA LEU B 146 7.95 -15.68 -7.61
C LEU B 146 8.58 -14.35 -7.28
N ARG B 147 9.57 -14.38 -6.40
CA ARG B 147 10.28 -13.20 -5.94
C ARG B 147 11.76 -13.44 -6.13
N VAL B 148 12.55 -12.38 -5.97
CA VAL B 148 14.01 -12.49 -6.09
C VAL B 148 14.60 -13.43 -5.02
N GLY B 149 14.07 -13.36 -3.80
CA GLY B 149 14.55 -14.23 -2.73
C GLY B 149 14.47 -15.71 -3.11
N ASP B 150 13.50 -16.05 -3.96
CA ASP B 150 13.28 -17.44 -4.37
C ASP B 150 14.48 -17.96 -5.16
N LEU B 151 15.25 -17.03 -5.72
CA LEU B 151 16.43 -17.40 -6.49
C LEU B 151 17.58 -17.89 -5.61
N PHE B 152 17.40 -17.85 -4.29
CA PHE B 152 18.42 -18.32 -3.37
C PHE B 152 18.40 -19.85 -3.31
N ASP B 153 17.22 -20.44 -3.35
CA ASP B 153 17.07 -21.89 -3.36
C ASP B 153 16.60 -22.33 -4.75
N LYS B 154 17.58 -22.69 -5.59
CA LYS B 154 17.40 -23.07 -6.99
C LYS B 154 16.55 -24.32 -7.18
N GLU B 155 16.62 -25.26 -6.24
CA GLU B 155 15.82 -26.47 -6.35
C GLU B 155 14.34 -26.13 -6.29
N THR B 156 13.95 -25.51 -5.17
CA THR B 156 12.56 -25.12 -4.94
C THR B 156 12.05 -24.11 -5.98
N PHE B 157 12.95 -23.37 -6.61
CA PHE B 157 12.54 -22.42 -7.65
C PHE B 157 11.91 -23.16 -8.83
N ALA B 158 12.60 -24.20 -9.30
CA ALA B 158 12.12 -25.02 -10.41
C ALA B 158 10.73 -25.57 -10.08
N GLU B 159 10.59 -26.10 -8.88
CA GLU B 159 9.35 -26.64 -8.38
C GLU B 159 8.26 -25.58 -8.45
N LYS B 160 8.49 -24.44 -7.80
CA LYS B 160 7.54 -23.33 -7.79
C LYS B 160 7.20 -22.86 -9.20
N LEU B 161 8.23 -22.53 -9.98
CA LEU B 161 8.05 -22.08 -11.37
C LEU B 161 7.17 -23.05 -12.18
N LYS B 162 7.38 -24.36 -12.03
CA LYS B 162 6.57 -25.31 -12.78
C LYS B 162 5.08 -25.21 -12.43
N GLU B 163 4.78 -25.18 -11.15
CA GLU B 163 3.40 -25.07 -10.70
C GLU B 163 2.71 -23.82 -11.24
N VAL B 164 3.34 -22.65 -11.17
CA VAL B 164 2.70 -21.44 -11.67
C VAL B 164 2.61 -21.38 -13.21
N MET B 165 3.57 -21.98 -13.90
CA MET B 165 3.57 -21.97 -15.38
C MET B 165 2.49 -22.85 -15.93
N GLU B 166 2.31 -24.00 -15.31
CA GLU B 166 1.27 -24.91 -15.72
C GLU B 166 -0.06 -24.15 -15.76
N TYR B 167 -0.38 -23.47 -14.65
CA TYR B 167 -1.60 -22.68 -14.54
C TYR B 167 -1.71 -21.59 -15.63
N HIS B 168 -0.63 -20.86 -15.89
CA HIS B 168 -0.70 -19.81 -16.91
C HIS B 168 -0.83 -20.38 -18.32
N ASN B 169 -0.14 -21.50 -18.57
CA ASN B 169 -0.23 -22.12 -19.87
C ASN B 169 -1.63 -22.60 -20.16
N PHE B 170 -2.34 -23.06 -19.13
CA PHE B 170 -3.69 -23.51 -19.33
C PHE B 170 -4.54 -22.42 -19.96
N GLN B 171 -4.68 -21.28 -19.28
CA GLN B 171 -5.51 -20.19 -19.79
C GLN B 171 -4.97 -19.59 -21.08
N LEU B 172 -3.65 -19.64 -21.28
CA LEU B 172 -3.06 -19.12 -22.51
C LEU B 172 -3.59 -19.86 -23.75
N VAL B 173 -3.61 -21.18 -23.68
CA VAL B 173 -4.03 -21.97 -24.81
C VAL B 173 -5.52 -22.33 -24.82
N ASN B 174 -6.08 -22.67 -23.65
CA ASN B 174 -7.47 -23.11 -23.59
C ASN B 174 -8.47 -21.98 -23.41
N TYR B 175 -7.99 -20.80 -23.04
CA TYR B 175 -8.90 -19.68 -22.88
C TYR B 175 -8.64 -18.58 -23.90
N TYR B 176 -7.38 -18.25 -24.10
CA TYR B 176 -7.00 -17.17 -25.01
C TYR B 176 -6.71 -17.61 -26.41
N LYS B 177 -6.38 -18.89 -26.58
CA LYS B 177 -6.01 -19.45 -27.88
C LYS B 177 -4.66 -18.88 -28.37
N ALA B 178 -3.78 -18.57 -27.41
CA ALA B 178 -2.45 -18.05 -27.68
C ALA B 178 -1.45 -19.20 -27.61
N GLU B 179 -0.16 -18.90 -27.73
CA GLU B 179 0.88 -19.95 -27.67
C GLU B 179 1.27 -20.24 -26.23
N ALA B 180 1.73 -21.45 -25.97
CA ALA B 180 2.18 -21.81 -24.64
C ALA B 180 3.61 -21.34 -24.45
N VAL B 181 3.93 -20.79 -23.27
CA VAL B 181 5.31 -20.38 -23.03
C VAL B 181 6.05 -21.64 -22.59
N ASP B 182 7.33 -21.78 -22.94
CA ASP B 182 8.09 -22.98 -22.59
C ASP B 182 8.82 -22.90 -21.26
N TYR B 183 8.39 -23.75 -20.34
CA TYR B 183 8.93 -23.87 -18.99
C TYR B 183 10.47 -23.99 -18.93
N GLN B 184 11.01 -25.03 -19.57
CA GLN B 184 12.47 -25.26 -19.54
C GLN B 184 13.25 -24.03 -20.01
N LYS B 185 12.76 -23.36 -21.04
CA LYS B 185 13.43 -22.16 -21.55
C LYS B 185 13.50 -21.06 -20.47
N VAL B 186 12.37 -20.78 -19.82
CA VAL B 186 12.27 -19.76 -18.77
C VAL B 186 13.13 -20.09 -17.56
N LEU B 187 13.18 -21.36 -17.19
CA LEU B 187 14.03 -21.79 -16.08
C LEU B 187 15.48 -21.54 -16.44
N ASP B 188 15.81 -21.87 -17.68
CA ASP B 188 17.15 -21.68 -18.17
C ASP B 188 17.54 -20.21 -18.22
N ASP B 189 16.66 -19.36 -18.77
CA ASP B 189 16.96 -17.94 -18.87
C ASP B 189 17.10 -17.31 -17.51
N THR B 190 16.33 -17.79 -16.53
CA THR B 190 16.38 -17.26 -15.19
C THR B 190 17.60 -17.74 -14.41
N MET B 191 17.89 -19.04 -14.49
CA MET B 191 19.04 -19.61 -13.78
C MET B 191 20.34 -18.90 -14.12
N ALA B 192 20.53 -18.58 -15.40
CA ALA B 192 21.74 -17.94 -15.90
C ALA B 192 21.98 -16.54 -15.35
N VAL B 193 20.95 -15.93 -14.79
CA VAL B 193 21.06 -14.58 -14.26
C VAL B 193 20.96 -14.51 -12.71
N ALA B 194 20.55 -15.62 -12.11
CA ALA B 194 20.36 -15.70 -10.66
C ALA B 194 21.56 -15.21 -9.80
N ASP B 195 22.77 -15.75 -10.01
CA ASP B 195 23.94 -15.34 -9.23
C ASP B 195 24.19 -13.83 -9.28
N ILE B 196 23.83 -13.20 -10.40
CA ILE B 196 24.02 -11.76 -10.55
C ILE B 196 23.03 -10.99 -9.69
N LEU B 197 21.74 -11.26 -9.85
CA LEU B 197 20.71 -10.56 -9.09
C LEU B 197 20.85 -10.70 -7.58
N THR B 198 21.22 -11.88 -7.12
CA THR B 198 21.33 -12.08 -5.68
C THR B 198 22.55 -11.37 -5.09
N SER B 199 23.55 -11.10 -5.90
CA SER B 199 24.71 -10.39 -5.41
C SER B 199 24.35 -8.93 -5.06
N MET B 200 23.18 -8.48 -5.53
CA MET B 200 22.73 -7.10 -5.31
C MET B 200 21.71 -7.00 -4.19
N VAL B 201 21.12 -8.13 -3.82
CA VAL B 201 20.11 -8.14 -2.79
C VAL B 201 20.61 -7.61 -1.47
N VAL B 202 19.80 -6.77 -0.83
CA VAL B 202 20.12 -6.18 0.47
C VAL B 202 18.85 -6.04 1.32
N ASP B 203 18.99 -5.94 2.64
CA ASP B 203 17.84 -5.73 3.49
C ASP B 203 17.49 -4.24 3.37
N VAL B 204 16.67 -3.89 2.38
CA VAL B 204 16.30 -2.50 2.12
C VAL B 204 15.65 -1.79 3.30
N SER B 205 14.84 -2.50 4.08
CA SER B 205 14.19 -1.89 5.24
C SER B 205 15.22 -1.40 6.24
N ASP B 206 16.12 -2.29 6.61
CA ASP B 206 17.15 -1.97 7.60
C ASP B 206 18.07 -0.88 7.10
N LEU B 207 18.46 -0.95 5.84
CA LEU B 207 19.35 0.08 5.30
C LEU B 207 18.76 1.49 5.46
N LEU B 208 17.48 1.68 5.10
CA LEU B 208 16.84 3.00 5.20
C LEU B 208 16.66 3.42 6.65
N ASP B 209 16.49 2.46 7.53
CA ASP B 209 16.36 2.81 8.94
C ASP B 209 17.66 3.45 9.39
N GLN B 210 18.78 2.90 8.89
CA GLN B 210 20.11 3.41 9.20
C GLN B 210 20.31 4.81 8.64
N ALA B 211 19.98 5.02 7.36
CA ALA B 211 20.11 6.33 6.74
C ALA B 211 19.30 7.37 7.51
N ARG B 212 18.05 7.04 7.81
CA ARG B 212 17.15 7.95 8.53
C ARG B 212 17.76 8.42 9.85
N GLN B 213 18.01 7.49 10.77
CA GLN B 213 18.57 7.90 12.05
C GLN B 213 19.97 8.49 11.94
N ARG B 214 20.76 8.06 10.96
CA ARG B 214 22.09 8.63 10.74
C ARG B 214 21.90 10.03 10.16
N GLY B 215 20.75 10.23 9.52
CA GLY B 215 20.39 11.52 8.95
C GLY B 215 20.64 11.76 7.48
N ASP B 216 20.88 10.71 6.70
CA ASP B 216 21.18 10.89 5.29
C ASP B 216 19.95 11.36 4.51
N PHE B 217 20.20 11.95 3.33
CA PHE B 217 19.16 12.47 2.46
C PHE B 217 18.69 11.39 1.52
N VAL B 218 17.49 10.88 1.73
CA VAL B 218 16.94 9.82 0.89
C VAL B 218 15.83 10.35 0.00
N MET B 219 15.99 10.19 -1.31
CA MET B 219 14.98 10.63 -2.24
C MET B 219 14.15 9.45 -2.71
N PHE B 220 12.85 9.51 -2.44
CA PHE B 220 11.90 8.49 -2.88
C PHE B 220 11.28 8.95 -4.21
N GLU B 221 11.14 8.07 -5.19
CA GLU B 221 10.65 8.50 -6.48
C GLU B 221 9.49 7.70 -7.04
N GLY B 222 8.39 8.41 -7.37
CA GLY B 222 7.20 7.79 -7.94
C GLY B 222 7.30 7.79 -9.45
N ALA B 223 6.67 6.83 -10.13
CA ALA B 223 6.79 6.73 -11.59
C ALA B 223 5.51 7.05 -12.41
N GLN B 224 4.32 6.82 -11.86
CA GLN B 224 3.06 7.14 -12.57
C GLN B 224 2.32 8.25 -11.84
N GLY B 225 1.45 8.95 -12.56
CA GLY B 225 0.70 10.04 -11.97
C GLY B 225 -0.25 9.60 -10.87
N THR B 226 -0.46 10.52 -9.93
CA THR B 226 -1.30 10.28 -8.77
C THR B 226 -2.70 9.79 -9.06
N LEU B 227 -3.39 10.41 -10.03
CA LEU B 227 -4.79 10.07 -10.33
C LEU B 227 -4.95 8.75 -11.05
N LEU B 228 -3.85 8.05 -11.28
CA LEU B 228 -3.93 6.76 -11.93
C LEU B 228 -3.81 5.72 -10.87
N ASP B 229 -3.97 6.18 -9.63
CA ASP B 229 -3.89 5.31 -8.48
C ASP B 229 -4.97 4.27 -8.58
N ILE B 230 -4.56 3.01 -8.53
CA ILE B 230 -5.54 1.92 -8.63
C ILE B 230 -6.70 2.12 -7.65
N ASP B 231 -6.40 2.54 -6.42
CA ASP B 231 -7.44 2.70 -5.39
C ASP B 231 -8.23 4.02 -5.46
N HIS B 232 -7.56 5.15 -5.70
CA HIS B 232 -8.29 6.43 -5.68
C HIS B 232 -8.30 7.20 -7.02
N GLY B 233 -7.90 6.60 -8.12
CA GLY B 233 -7.94 7.33 -9.37
C GLY B 233 -9.27 7.10 -10.05
N THR B 234 -9.30 7.28 -11.36
CA THR B 234 -10.52 7.07 -12.12
C THR B 234 -10.66 5.60 -12.55
N TYR B 235 -11.36 4.78 -11.76
CA TYR B 235 -11.55 3.37 -12.09
C TYR B 235 -12.48 3.24 -13.30
N PRO B 236 -12.15 2.35 -14.27
CA PRO B 236 -10.99 1.46 -14.34
C PRO B 236 -9.78 2.14 -15.00
N TYR B 237 -9.92 3.40 -15.40
CA TYR B 237 -8.82 4.14 -16.03
C TYR B 237 -7.78 4.49 -14.97
N VAL B 238 -7.14 3.44 -14.44
CA VAL B 238 -6.13 3.51 -13.39
C VAL B 238 -5.09 2.41 -13.64
N THR B 239 -3.91 2.51 -13.02
CA THR B 239 -2.89 1.49 -13.22
C THR B 239 -3.14 0.25 -12.34
N SER B 240 -2.16 -0.66 -12.29
CA SER B 240 -2.27 -1.89 -11.52
C SER B 240 -1.69 -1.78 -10.10
N SER B 241 -1.26 -0.57 -9.69
CA SER B 241 -0.70 -0.35 -8.34
C SER B 241 -0.96 1.05 -7.82
N ASN B 242 -0.62 1.29 -6.55
CA ASN B 242 -0.80 2.60 -5.94
C ASN B 242 0.31 3.53 -6.41
N THR B 243 -0.07 4.73 -6.85
CA THR B 243 0.89 5.71 -7.35
C THR B 243 1.08 6.93 -6.41
N THR B 244 0.21 7.11 -5.42
CA THR B 244 0.31 8.23 -4.49
C THR B 244 1.47 8.04 -3.49
N ALA B 245 1.75 9.06 -2.68
CA ALA B 245 2.83 8.99 -1.68
C ALA B 245 2.56 7.89 -0.64
N GLY B 246 1.29 7.54 -0.42
CA GLY B 246 0.95 6.48 0.52
C GLY B 246 1.64 5.16 0.19
N GLY B 247 2.11 5.00 -1.04
CA GLY B 247 2.78 3.76 -1.41
C GLY B 247 4.23 3.59 -1.02
N VAL B 248 4.82 4.63 -0.44
CA VAL B 248 6.23 4.59 -0.03
C VAL B 248 6.51 3.55 1.06
N ALA B 249 5.61 3.41 2.04
CA ALA B 249 5.81 2.47 3.13
C ALA B 249 5.82 1.02 2.66
N THR B 250 4.74 0.59 2.03
CA THR B 250 4.62 -0.78 1.57
C THR B 250 5.57 -1.11 0.45
N GLY B 251 5.86 -0.13 -0.40
CA GLY B 251 6.74 -0.34 -1.51
C GLY B 251 8.20 -0.29 -1.13
N SER B 252 8.55 0.11 0.10
CA SER B 252 9.96 0.20 0.48
C SER B 252 10.25 -0.40 1.88
N GLY B 253 9.25 -0.50 2.74
CA GLY B 253 9.53 -1.09 4.05
C GLY B 253 9.73 -0.11 5.20
N LEU B 254 9.73 1.19 4.90
CA LEU B 254 9.89 2.19 5.94
C LEU B 254 8.53 2.53 6.55
N GLY B 255 8.52 3.14 7.74
CA GLY B 255 7.26 3.50 8.39
C GLY B 255 6.63 4.73 7.78
N PRO B 256 5.29 4.85 7.79
CA PRO B 256 4.63 6.03 7.20
C PRO B 256 5.03 7.35 7.88
N ARG B 257 5.32 7.28 9.17
CA ARG B 257 5.73 8.46 9.91
C ARG B 257 7.09 9.01 9.46
N TYR B 258 7.85 8.24 8.68
CA TYR B 258 9.16 8.71 8.28
C TYR B 258 9.18 9.35 6.89
N VAL B 259 8.10 10.06 6.58
CA VAL B 259 7.98 10.82 5.34
C VAL B 259 8.00 12.30 5.74
N ASP B 260 9.12 12.98 5.48
CA ASP B 260 9.29 14.38 5.87
C ASP B 260 8.64 15.38 4.91
N TYR B 261 9.12 15.41 3.68
CA TYR B 261 8.63 16.33 2.66
C TYR B 261 8.07 15.50 1.52
N VAL B 262 7.04 16.04 0.86
CA VAL B 262 6.37 15.38 -0.27
C VAL B 262 6.21 16.39 -1.42
N LEU B 263 7.12 16.34 -2.36
CA LEU B 263 7.11 17.28 -3.49
C LEU B 263 6.27 16.74 -4.65
N GLY B 264 5.28 17.52 -5.06
CA GLY B 264 4.42 17.11 -6.15
C GLY B 264 4.68 17.90 -7.41
N ILE B 265 4.97 17.19 -8.50
CA ILE B 265 5.22 17.87 -9.75
C ILE B 265 3.91 18.17 -10.45
N LEU B 266 3.74 19.46 -10.75
CA LEU B 266 2.55 19.97 -11.39
C LEU B 266 2.90 20.70 -12.67
N LYS B 267 2.33 20.28 -13.78
CA LYS B 267 2.53 20.96 -15.05
C LYS B 267 1.58 22.16 -15.03
N ALA B 268 1.83 23.20 -15.85
CA ALA B 268 0.99 24.40 -15.84
C ALA B 268 -0.38 24.21 -16.46
N TYR B 269 -0.53 23.15 -17.24
CA TYR B 269 -1.77 22.83 -17.92
C TYR B 269 -2.03 21.33 -17.81
N SER B 270 -3.10 20.84 -18.42
CA SER B 270 -3.42 19.42 -18.32
C SER B 270 -3.18 18.61 -19.61
N THR B 271 -2.84 17.35 -19.41
CA THR B 271 -2.69 16.39 -20.49
C THR B 271 -3.06 15.02 -19.97
N ARG B 272 -3.72 14.27 -20.81
CA ARG B 272 -4.06 12.92 -20.49
C ARG B 272 -3.76 12.09 -21.71
N VAL B 273 -3.27 10.88 -21.47
CA VAL B 273 -2.97 9.93 -22.52
C VAL B 273 -3.99 8.81 -22.39
N GLY B 274 -4.72 8.51 -23.46
CA GLY B 274 -5.71 7.45 -23.39
C GLY B 274 -7.08 7.89 -22.90
N ALA B 275 -7.92 6.90 -22.59
CA ALA B 275 -9.29 7.11 -22.11
C ALA B 275 -9.38 7.58 -20.65
N GLY B 276 -10.57 8.02 -20.27
CA GLY B 276 -10.81 8.49 -18.91
C GLY B 276 -11.32 9.92 -18.89
N PRO B 277 -12.13 10.29 -17.88
CA PRO B 277 -12.70 11.65 -17.74
C PRO B 277 -11.64 12.76 -17.72
N PHE B 278 -11.98 13.91 -18.28
CA PHE B 278 -11.05 15.03 -18.39
C PHE B 278 -11.84 16.31 -18.65
N PRO B 279 -12.56 16.82 -17.64
CA PRO B 279 -13.37 18.03 -17.82
C PRO B 279 -12.73 19.22 -18.53
N THR B 280 -11.48 19.57 -18.21
CA THR B 280 -10.84 20.75 -18.82
C THR B 280 -10.32 20.52 -20.24
N GLU B 281 -10.55 19.35 -20.81
CA GLU B 281 -10.03 19.13 -22.15
C GLU B 281 -10.48 20.23 -23.12
N LEU B 282 -9.56 20.69 -23.97
CA LEU B 282 -9.86 21.73 -24.93
C LEU B 282 -9.91 21.13 -26.33
N PHE B 283 -10.99 21.39 -27.06
CA PHE B 283 -11.13 20.86 -28.42
C PHE B 283 -11.04 21.98 -29.44
N ASP B 284 -10.08 22.87 -29.25
CA ASP B 284 -9.92 24.00 -30.16
C ASP B 284 -8.45 24.26 -30.42
N GLU B 285 -8.14 25.43 -30.99
CA GLU B 285 -6.76 25.74 -31.29
C GLU B 285 -5.98 26.09 -30.03
N THR B 286 -6.68 26.32 -28.93
CA THR B 286 -5.96 26.57 -27.68
C THR B 286 -5.36 25.23 -27.26
N GLY B 287 -6.21 24.20 -27.25
CA GLY B 287 -5.75 22.88 -26.93
C GLY B 287 -4.61 22.60 -27.88
N GLU B 288 -4.81 22.96 -29.14
CA GLU B 288 -3.75 22.80 -30.14
C GLU B 288 -2.51 23.58 -29.73
N PHE B 289 -2.67 24.89 -29.53
CA PHE B 289 -1.53 25.71 -29.11
C PHE B 289 -0.72 25.00 -28.01
N LEU B 290 -1.40 24.59 -26.94
CA LEU B 290 -0.75 23.92 -25.83
C LEU B 290 -0.06 22.62 -26.26
N CYS B 291 -0.68 21.91 -27.20
CA CYS B 291 -0.10 20.65 -27.65
C CYS B 291 1.18 20.89 -28.44
N LYS B 292 1.15 21.87 -29.34
CA LYS B 292 2.34 22.14 -30.13
C LYS B 292 3.45 22.81 -29.34
N GLN B 293 3.12 23.80 -28.52
CA GLN B 293 4.19 24.50 -27.76
C GLN B 293 4.73 23.66 -26.60
N GLY B 294 4.02 22.60 -26.25
CA GLY B 294 4.44 21.76 -25.15
C GLY B 294 5.03 20.44 -25.58
N ASN B 295 5.13 20.21 -26.89
CA ASN B 295 5.67 18.96 -27.42
C ASN B 295 4.92 17.79 -26.82
N GLU B 296 3.61 17.93 -26.72
CA GLU B 296 2.79 16.90 -26.13
C GLU B 296 2.46 15.82 -27.15
N PHE B 297 3.50 15.33 -27.80
CA PHE B 297 3.38 14.28 -28.81
C PHE B 297 3.77 12.93 -28.22
N GLY B 298 3.89 12.88 -26.89
CA GLY B 298 4.28 11.65 -26.22
C GLY B 298 3.30 10.50 -26.34
N ALA B 299 3.21 9.98 -27.55
CA ALA B 299 2.34 8.86 -27.89
C ALA B 299 2.58 8.49 -29.35
N THR B 300 3.72 7.87 -29.61
CA THR B 300 4.11 7.48 -30.96
C THR B 300 3.23 6.38 -31.51
N THR B 301 3.31 6.18 -32.83
CA THR B 301 2.53 5.18 -33.54
C THR B 301 1.04 5.52 -33.49
N GLY B 302 0.63 6.44 -34.35
CA GLY B 302 -0.76 6.84 -34.44
C GLY B 302 -1.48 7.02 -33.12
N ARG B 303 -1.03 7.99 -32.33
CA ARG B 303 -1.64 8.30 -31.02
C ARG B 303 -1.33 9.77 -30.64
N ARG B 304 -1.77 10.24 -29.48
CA ARG B 304 -1.52 11.62 -29.07
C ARG B 304 -1.96 11.90 -27.64
N ARG B 305 -1.56 13.06 -27.11
CA ARG B 305 -1.93 13.46 -25.76
C ARG B 305 -3.07 14.48 -25.78
N ARG B 306 -4.07 14.27 -24.92
CA ARG B 306 -5.20 15.19 -24.80
C ARG B 306 -4.72 16.44 -24.04
N THR B 307 -5.14 17.64 -24.45
CA THR B 307 -4.65 18.84 -23.77
C THR B 307 -5.75 19.61 -23.03
N GLY B 308 -5.32 20.45 -22.08
CA GLY B 308 -6.28 21.24 -21.33
C GLY B 308 -5.73 22.18 -20.26
N TRP B 309 -6.63 23.02 -19.77
CA TRP B 309 -6.31 23.96 -18.72
C TRP B 309 -6.06 23.22 -17.42
N LEU B 310 -5.40 23.89 -16.49
CA LEU B 310 -5.16 23.36 -15.18
C LEU B 310 -6.50 23.21 -14.45
N ASP B 311 -6.70 22.05 -13.81
CA ASP B 311 -7.90 21.74 -13.06
C ASP B 311 -7.56 21.71 -11.57
N THR B 312 -7.81 22.82 -10.88
CA THR B 312 -7.48 22.91 -9.45
C THR B 312 -8.33 22.01 -8.58
N VAL B 313 -9.44 21.54 -9.10
CA VAL B 313 -10.30 20.64 -8.36
C VAL B 313 -9.66 19.24 -8.29
N ALA B 314 -9.20 18.75 -9.43
CA ALA B 314 -8.52 17.46 -9.49
C ALA B 314 -7.23 17.55 -8.69
N VAL B 315 -6.46 18.62 -8.90
CA VAL B 315 -5.21 18.79 -8.16
C VAL B 315 -5.47 18.77 -6.64
N ARG B 316 -6.55 19.40 -6.22
CA ARG B 316 -6.89 19.43 -4.79
C ARG B 316 -6.92 17.99 -4.26
N ARG B 317 -7.52 17.08 -5.04
CA ARG B 317 -7.59 15.66 -4.65
C ARG B 317 -6.19 15.07 -4.44
N ALA B 318 -5.23 15.45 -5.28
CA ALA B 318 -3.86 14.98 -5.14
C ALA B 318 -3.25 15.46 -3.83
N VAL B 319 -3.51 16.72 -3.46
CA VAL B 319 -2.98 17.27 -2.21
C VAL B 319 -3.43 16.40 -1.06
N GLN B 320 -4.74 16.17 -1.04
CA GLN B 320 -5.43 15.33 -0.06
C GLN B 320 -4.75 13.95 0.06
N LEU B 321 -4.73 13.20 -1.05
CA LEU B 321 -4.17 11.85 -1.10
C LEU B 321 -2.67 11.76 -0.79
N ASN B 322 -1.89 12.76 -1.23
CA ASN B 322 -0.42 12.76 -1.05
C ASN B 322 0.10 13.59 0.13
N SER B 323 -0.79 14.31 0.83
CA SER B 323 -0.33 15.15 1.94
C SER B 323 0.93 15.91 1.51
N LEU B 324 0.78 16.56 0.36
CA LEU B 324 1.81 17.35 -0.27
C LEU B 324 2.27 18.51 0.60
N SER B 325 3.57 18.73 0.59
CA SER B 325 4.16 19.81 1.32
C SER B 325 4.35 20.98 0.36
N GLY B 326 4.84 20.69 -0.83
CA GLY B 326 5.02 21.74 -1.80
C GLY B 326 4.88 21.27 -3.24
N PHE B 327 4.73 22.24 -4.15
CA PHE B 327 4.63 21.96 -5.56
C PHE B 327 5.89 22.44 -6.26
N CYS B 328 6.14 21.82 -7.42
CA CYS B 328 7.20 22.18 -8.34
C CYS B 328 6.47 22.40 -9.67
N LEU B 329 6.41 23.65 -10.13
CA LEU B 329 5.69 24.04 -11.35
C LEU B 329 6.54 23.92 -12.64
N THR B 330 6.03 23.18 -13.63
CA THR B 330 6.73 22.97 -14.90
C THR B 330 5.94 23.45 -16.14
N LYS B 331 6.65 23.68 -17.23
CA LYS B 331 6.08 24.05 -18.53
C LYS B 331 5.25 25.34 -18.55
N LEU B 332 5.54 26.27 -17.66
CA LEU B 332 4.84 27.55 -17.55
C LEU B 332 4.97 28.37 -18.84
N ASP B 333 6.16 28.32 -19.44
CA ASP B 333 6.46 29.04 -20.68
C ASP B 333 5.60 28.57 -21.85
N VAL B 334 5.11 27.35 -21.81
CA VAL B 334 4.26 26.88 -22.90
C VAL B 334 3.13 27.91 -23.13
N LEU B 335 2.79 28.64 -22.07
CA LEU B 335 1.71 29.61 -22.06
C LEU B 335 2.10 30.98 -22.62
N ASP B 336 3.39 31.25 -22.81
CA ASP B 336 3.83 32.54 -23.33
C ASP B 336 3.14 32.83 -24.65
N GLY B 337 2.52 34.01 -24.76
CA GLY B 337 1.84 34.35 -25.99
C GLY B 337 0.34 34.23 -25.93
N LEU B 338 -0.20 33.73 -24.82
CA LEU B 338 -1.65 33.61 -24.71
C LEU B 338 -2.26 34.92 -24.22
N LYS B 339 -3.29 35.39 -24.94
CA LYS B 339 -3.98 36.63 -24.56
C LYS B 339 -4.66 36.49 -23.21
N GLU B 340 -5.27 35.34 -22.99
CA GLU B 340 -5.97 35.04 -21.74
C GLU B 340 -5.59 33.64 -21.27
N VAL B 341 -5.70 33.41 -19.97
CA VAL B 341 -5.40 32.10 -19.40
C VAL B 341 -6.54 31.70 -18.46
N LYS B 342 -6.88 30.41 -18.42
CA LYS B 342 -8.00 29.96 -17.58
C LYS B 342 -7.58 28.98 -16.50
N LEU B 343 -8.36 28.92 -15.43
CA LEU B 343 -8.13 27.99 -14.33
C LEU B 343 -9.46 27.48 -13.82
N CYS B 344 -9.63 26.16 -13.79
CA CYS B 344 -10.86 25.50 -13.30
C CYS B 344 -10.88 25.55 -11.78
N VAL B 345 -11.86 26.26 -11.24
CA VAL B 345 -11.93 26.45 -9.79
C VAL B 345 -13.02 25.62 -9.14
N ALA B 346 -13.98 25.14 -9.92
CA ALA B 346 -15.04 24.32 -9.37
C ALA B 346 -15.76 23.58 -10.47
N TYR B 347 -16.39 22.46 -10.11
CA TYR B 347 -17.14 21.67 -11.05
C TYR B 347 -18.59 21.96 -10.82
N ARG B 348 -19.35 22.17 -11.88
CA ARG B 348 -20.78 22.37 -11.70
C ARG B 348 -21.46 21.07 -11.98
N MET B 349 -22.29 20.60 -11.08
CA MET B 349 -23.01 19.34 -11.29
C MET B 349 -24.36 19.60 -11.99
N PRO B 350 -24.88 18.58 -12.71
CA PRO B 350 -26.15 18.61 -13.45
C PRO B 350 -27.33 19.35 -12.80
N ASP B 351 -27.51 19.20 -11.49
CA ASP B 351 -28.60 19.89 -10.78
C ASP B 351 -28.24 21.35 -10.49
N GLY B 352 -27.10 21.82 -11.00
CA GLY B 352 -26.71 23.19 -10.80
C GLY B 352 -25.80 23.42 -9.61
N ARG B 353 -25.61 22.38 -8.81
CA ARG B 353 -24.76 22.48 -7.63
C ARG B 353 -23.29 22.59 -8.03
N GLU B 354 -22.57 23.49 -7.39
CA GLU B 354 -21.15 23.64 -7.67
C GLU B 354 -20.34 22.98 -6.58
N VAL B 355 -19.29 22.27 -6.97
CA VAL B 355 -18.47 21.59 -5.97
C VAL B 355 -16.97 21.72 -6.25
N THR B 356 -16.21 21.80 -5.16
CA THR B 356 -14.76 21.93 -5.18
C THR B 356 -14.07 20.57 -4.96
N THR B 357 -14.85 19.50 -4.97
CA THR B 357 -14.35 18.17 -4.77
C THR B 357 -14.64 17.26 -5.96
N THR B 358 -13.71 16.36 -6.22
CA THR B 358 -13.78 15.39 -7.30
C THR B 358 -14.94 14.41 -7.09
N PRO B 359 -15.65 14.05 -8.17
CA PRO B 359 -16.77 13.12 -8.09
C PRO B 359 -16.40 11.73 -7.66
N LEU B 360 -17.20 11.17 -6.76
CA LEU B 360 -16.99 9.79 -6.32
C LEU B 360 -16.99 8.93 -7.58
N ALA B 361 -15.85 8.34 -7.92
CA ALA B 361 -15.72 7.51 -9.11
C ALA B 361 -17.09 7.22 -9.74
N ALA B 362 -17.94 6.54 -8.97
CA ALA B 362 -19.27 6.21 -9.44
C ALA B 362 -20.18 7.45 -9.39
N ASP B 363 -19.93 8.44 -10.25
CA ASP B 363 -20.76 9.64 -10.21
C ASP B 363 -20.86 10.39 -11.54
N ASP B 364 -20.84 11.72 -11.47
CA ASP B 364 -21.01 12.55 -12.65
C ASP B 364 -19.75 12.97 -13.38
N TRP B 365 -18.67 12.20 -13.34
CA TRP B 365 -17.49 12.63 -14.10
C TRP B 365 -17.97 12.99 -15.52
N LYS B 366 -19.05 12.33 -15.95
CA LYS B 366 -19.67 12.54 -17.26
C LYS B 366 -20.51 13.82 -17.29
N GLY B 367 -21.20 14.11 -16.19
CA GLY B 367 -22.05 15.29 -16.15
C GLY B 367 -21.40 16.59 -15.70
N VAL B 368 -20.25 16.51 -15.04
CA VAL B 368 -19.57 17.71 -14.54
C VAL B 368 -19.20 18.71 -15.63
N GLU B 369 -19.44 19.98 -15.33
CA GLU B 369 -19.08 21.07 -16.21
C GLU B 369 -18.11 21.97 -15.46
N PRO B 370 -17.03 22.43 -16.12
CA PRO B 370 -16.02 23.27 -15.50
C PRO B 370 -16.31 24.72 -15.22
N ILE B 371 -16.18 25.12 -13.96
CA ILE B 371 -16.33 26.51 -13.61
C ILE B 371 -14.96 27.12 -13.79
N TYR B 372 -14.82 27.93 -14.82
CA TYR B 372 -13.53 28.53 -15.08
C TYR B 372 -13.40 29.91 -14.49
N GLU B 373 -12.13 30.28 -14.26
CA GLU B 373 -11.71 31.59 -13.82
C GLU B 373 -10.77 32.04 -14.91
N THR B 374 -11.09 33.14 -15.58
CA THR B 374 -10.25 33.61 -16.67
C THR B 374 -9.36 34.76 -16.22
N MET B 375 -8.07 34.69 -16.56
CA MET B 375 -7.17 35.77 -16.19
C MET B 375 -6.21 36.14 -17.30
N PRO B 376 -5.71 37.38 -17.27
CA PRO B 376 -4.77 37.93 -18.26
C PRO B 376 -3.57 37.04 -18.56
N GLY B 377 -3.10 37.11 -19.78
CA GLY B 377 -1.95 36.33 -20.19
C GLY B 377 -0.74 37.23 -20.32
N TRP B 378 0.30 36.71 -20.94
CA TRP B 378 1.54 37.45 -21.11
C TRP B 378 2.15 37.21 -22.49
N SER B 379 2.89 38.20 -22.97
CA SER B 379 3.54 38.12 -24.27
C SER B 379 5.03 37.79 -24.11
N GLU B 380 5.64 38.39 -23.09
CA GLU B 380 7.04 38.19 -22.81
C GLU B 380 7.34 36.73 -22.48
N SER B 381 8.53 36.28 -22.83
CA SER B 381 8.94 34.92 -22.61
C SER B 381 9.31 34.65 -21.15
N THR B 382 9.04 33.43 -20.69
CA THR B 382 9.39 33.02 -19.33
C THR B 382 10.52 31.99 -19.38
N PHE B 383 10.70 31.37 -20.54
CA PHE B 383 11.73 30.36 -20.74
C PHE B 383 13.11 30.84 -20.25
N GLY B 384 13.74 30.04 -19.39
CA GLY B 384 15.06 30.39 -18.87
C GLY B 384 15.15 31.38 -17.70
N VAL B 385 14.06 32.06 -17.37
CA VAL B 385 14.10 33.01 -16.27
C VAL B 385 14.62 32.34 -14.99
N LYS B 386 15.53 33.00 -14.26
CA LYS B 386 16.11 32.40 -13.06
C LYS B 386 15.77 33.10 -11.76
N ASP B 387 14.96 34.16 -11.81
CA ASP B 387 14.57 34.92 -10.61
C ASP B 387 13.12 35.36 -10.75
N ARG B 388 12.38 35.35 -9.65
CA ARG B 388 10.97 35.76 -9.67
C ARG B 388 10.78 37.12 -10.35
N SER B 389 11.79 37.99 -10.26
CA SER B 389 11.69 39.32 -10.85
C SER B 389 11.73 39.31 -12.37
N GLY B 390 12.16 38.21 -12.97
CA GLY B 390 12.19 38.14 -14.42
C GLY B 390 10.82 37.77 -14.93
N LEU B 391 9.93 37.38 -14.02
CA LEU B 391 8.56 36.97 -14.36
C LEU B 391 7.62 38.16 -14.49
N PRO B 392 6.77 38.16 -15.52
CA PRO B 392 5.83 39.28 -15.69
C PRO B 392 4.77 39.20 -14.58
N GLN B 393 4.01 40.27 -14.37
CA GLN B 393 2.98 40.34 -13.32
C GLN B 393 1.86 39.31 -13.49
N ALA B 394 1.38 39.13 -14.72
CA ALA B 394 0.32 38.17 -15.00
C ALA B 394 0.75 36.73 -14.60
N ALA B 395 1.97 36.33 -14.94
CA ALA B 395 2.43 35.00 -14.58
C ALA B 395 2.54 34.88 -13.08
N LEU B 396 2.91 35.98 -12.41
CA LEU B 396 3.03 35.92 -10.96
C LEU B 396 1.65 35.78 -10.30
N ASN B 397 0.64 36.41 -10.90
CA ASN B 397 -0.70 36.32 -10.35
C ASN B 397 -1.28 34.90 -10.55
N TYR B 398 -0.95 34.30 -11.71
CA TYR B 398 -1.38 32.94 -12.05
C TYR B 398 -0.87 31.98 -10.98
N ILE B 399 0.44 32.05 -10.75
CA ILE B 399 1.14 31.22 -9.78
C ILE B 399 0.55 31.35 -8.38
N LYS B 400 0.37 32.56 -7.88
CA LYS B 400 -0.20 32.74 -6.55
C LYS B 400 -1.65 32.31 -6.50
N ARG B 401 -2.41 32.57 -7.56
CA ARG B 401 -3.79 32.10 -7.56
C ARG B 401 -3.81 30.57 -7.34
N ILE B 402 -2.96 29.83 -8.06
CA ILE B 402 -2.88 28.38 -7.89
C ILE B 402 -2.69 28.08 -6.41
N GLU B 403 -1.79 28.82 -5.76
CA GLU B 403 -1.51 28.58 -4.36
C GLU B 403 -2.73 28.79 -3.47
N GLU B 404 -3.48 29.86 -3.74
CA GLU B 404 -4.68 30.20 -2.97
C GLU B 404 -5.76 29.13 -3.13
N LEU B 405 -6.00 28.74 -4.36
CA LEU B 405 -7.01 27.75 -4.69
C LEU B 405 -6.70 26.37 -4.12
N THR B 406 -5.42 26.06 -4.13
CA THR B 406 -4.92 24.77 -3.73
C THR B 406 -4.52 24.69 -2.24
N GLY B 407 -4.14 25.81 -1.64
CA GLY B 407 -3.73 25.82 -0.23
C GLY B 407 -2.32 25.35 0.10
N VAL B 408 -1.50 25.04 -0.91
CA VAL B 408 -0.12 24.54 -0.79
C VAL B 408 0.81 25.38 -1.64
N PRO B 409 2.05 25.62 -1.19
CA PRO B 409 2.99 26.43 -1.97
C PRO B 409 3.72 25.81 -3.13
N ILE B 410 4.20 26.70 -4.02
CA ILE B 410 5.03 26.29 -5.14
C ILE B 410 6.47 26.63 -4.76
N ASP B 411 7.18 25.65 -4.21
CA ASP B 411 8.53 25.88 -3.72
C ASP B 411 9.63 25.79 -4.77
N ILE B 412 9.31 25.31 -5.96
CA ILE B 412 10.28 25.21 -7.05
C ILE B 412 9.60 25.48 -8.40
N ILE B 413 10.25 26.28 -9.23
CA ILE B 413 9.73 26.61 -10.56
C ILE B 413 10.78 26.30 -11.61
N SER B 414 10.41 25.50 -12.60
CA SER B 414 11.33 25.13 -13.66
C SER B 414 10.97 25.90 -14.91
N THR B 415 11.94 26.66 -15.42
CA THR B 415 11.71 27.50 -16.61
C THR B 415 12.48 27.01 -17.83
N GLY B 416 13.20 25.91 -17.66
CA GLY B 416 13.95 25.34 -18.75
C GLY B 416 14.64 24.07 -18.31
N PRO B 417 15.14 23.27 -19.27
CA PRO B 417 15.83 22.01 -19.03
C PRO B 417 17.20 22.12 -18.33
N ASP B 418 17.72 23.33 -18.18
CA ASP B 418 19.02 23.48 -17.55
C ASP B 418 18.91 23.56 -16.02
N ARG B 419 19.85 22.92 -15.35
CA ARG B 419 19.93 22.87 -13.87
C ARG B 419 19.70 24.24 -13.25
N THR B 420 20.43 25.24 -13.77
CA THR B 420 20.36 26.60 -13.24
C THR B 420 19.06 27.31 -13.65
N GLU B 421 18.38 26.82 -14.68
CA GLU B 421 17.13 27.45 -15.04
C GLU B 421 16.06 26.88 -14.13
N THR B 422 16.28 27.11 -12.85
CA THR B 422 15.39 26.66 -11.84
C THR B 422 15.34 27.69 -10.76
N MET B 423 14.16 27.83 -10.18
CA MET B 423 13.93 28.74 -9.08
C MET B 423 13.58 27.88 -7.88
N ILE B 424 14.51 27.72 -6.95
CA ILE B 424 14.21 26.95 -5.74
C ILE B 424 13.77 27.94 -4.69
N LEU B 425 12.47 27.98 -4.41
CA LEU B 425 11.99 28.89 -3.42
C LEU B 425 12.21 28.37 -2.01
N ARG B 426 12.16 27.04 -1.78
CA ARG B 426 12.33 26.55 -0.42
C ARG B 426 13.36 25.43 -0.24
N ASP B 427 13.41 24.49 -1.17
CA ASP B 427 14.36 23.35 -1.05
C ASP B 427 13.81 22.27 -0.10
N PRO B 428 13.33 21.15 -0.67
CA PRO B 428 12.75 19.98 -0.01
C PRO B 428 13.60 19.33 1.06
N PHE B 429 14.92 19.36 0.85
CA PHE B 429 15.86 18.75 1.77
C PHE B 429 16.18 19.62 2.98
N ASP B 430 16.67 20.82 2.73
CA ASP B 430 17.04 21.72 3.81
C ASP B 430 15.90 22.62 4.25
N ALA B 431 14.73 22.02 4.44
CA ALA B 431 13.52 22.72 4.86
C ALA B 431 12.29 21.83 4.68
N3B GNH C . -9.90 -10.41 19.12
PB GNH C . -10.86 -10.56 20.47
O1B GNH C . -11.31 -9.26 20.98
O2B GNH C . -11.92 -11.58 20.43
O3A GNH C . -9.94 -11.32 21.56
PA GNH C . -8.67 -10.68 22.31
O1A GNH C . -7.99 -9.81 21.34
O2A GNH C . -9.21 -10.18 23.58
O5' GNH C . -7.73 -11.96 22.59
C5' GNH C . -7.00 -12.14 23.81
C4' GNH C . -7.61 -13.13 24.84
O4' GNH C . -6.77 -13.02 25.97
C3' GNH C . -8.98 -12.79 25.37
O3' GNH C . -9.52 -13.74 26.31
C2' GNH C . -8.68 -11.59 26.17
O2' GNH C . -9.79 -11.37 27.04
C1' GNH C . -7.44 -12.10 26.89
N9 GNH C . -6.69 -11.06 27.42
C8 GNH C . -6.33 -9.82 26.91
N7 GNH C . -5.46 -9.12 27.61
C5 GNH C . -5.23 -9.98 28.67
C6 GNH C . -4.38 -9.82 29.79
O6 GNH C . -3.59 -8.89 30.03
N1 GNH C . -4.48 -10.92 30.63
C2 GNH C . -5.26 -12.04 30.37
N2 GNH C . -5.19 -13.06 31.23
N3 GNH C . -6.05 -12.20 29.32
C4 GNH C . -5.99 -11.14 28.54
HN31 GNH C . -10.25 -10.50 18.18
HN32 GNH C . -8.94 -10.16 19.22
H5'2 GNH C . -6.01 -12.52 23.56
H5'1 GNH C . -6.86 -11.16 24.27
H4' GNH C . -7.59 -14.13 24.43
H3' GNH C . -9.66 -12.56 24.55
HO3' GNH C . -8.82 -14.36 26.58
H2' GNH C . -8.47 -10.76 25.50
HO2' GNH C . -10.09 -12.24 27.30
H1' GNH C . -7.78 -12.72 27.73
H8 GNH C . -6.67 -9.50 25.94
HN1 GNH C . -3.98 -10.95 31.51
HN21 GNH C . -6.00 -13.40 31.65
HN22 GNH C . -4.33 -13.48 31.43
#